data_8ACX
#
_entry.id   8ACX
#
_cell.length_a   109.108
_cell.length_b   109.108
_cell.length_c   252.755
_cell.angle_alpha   90.000
_cell.angle_beta   90.000
_cell.angle_gamma   120.000
#
_symmetry.space_group_name_H-M   'H 3'
#
loop_
_entity.id
_entity.type
_entity.pdbx_description
1 polymer 'Hce2 domain-containing protein'
2 water water
#
_entity_poly.entity_id   1
_entity_poly.type   'polypeptide(L)'
_entity_poly.pdbx_seq_one_letter_code
;MSPLAQNGGGTAGTTGLRNNCDGSTFVPVTGSAGNAPSKWDCQLLRDGYIAKQNKSWLISGPRIIGTVRTCQFSATVDVS
GTAGWIGRDDIMDLMKDSLNLWKDGETTQVQGAMQVGESGDVNCVAGKKGEGQKVRIAWTLGHS
;
_entity_poly.pdbx_strand_id   A,B,C,D,E,F,G,H
#
# COMPACT_ATOMS: atom_id res chain seq x y z
N ASN A 19 -12.72 32.85 9.26
CA ASN A 19 -12.51 32.91 10.74
C ASN A 19 -11.00 32.88 11.03
N ASN A 20 -10.23 32.02 10.35
CA ASN A 20 -8.76 32.04 10.56
C ASN A 20 -8.03 31.87 9.23
N CYS A 21 -8.73 32.05 8.09
CA CYS A 21 -8.11 31.81 6.75
C CYS A 21 -8.64 32.80 5.71
N ASP A 22 -7.76 33.55 5.04
CA ASP A 22 -8.13 34.59 4.03
C ASP A 22 -8.65 34.02 2.70
N GLY A 23 -9.47 34.77 1.96
CA GLY A 23 -9.96 34.37 0.62
C GLY A 23 -9.76 32.92 0.19
N SER A 24 -8.56 32.53 -0.26
CA SER A 24 -8.25 31.17 -0.80
C SER A 24 -8.36 31.10 -2.33
N THR A 25 -8.10 29.93 -2.93
CA THR A 25 -8.07 29.77 -4.41
C THR A 25 -8.86 28.52 -4.81
N PHE A 26 -9.36 28.45 -6.05
CA PHE A 26 -10.21 27.30 -6.43
C PHE A 26 -9.72 26.58 -7.70
N VAL A 27 -9.38 25.29 -7.57
CA VAL A 27 -8.94 24.42 -8.70
C VAL A 27 -9.94 23.30 -8.85
N PRO A 28 -10.64 23.18 -9.99
CA PRO A 28 -11.53 22.04 -10.22
C PRO A 28 -10.67 20.79 -10.43
N VAL A 29 -10.97 19.77 -9.67
CA VAL A 29 -10.25 18.45 -9.69
C VAL A 29 -10.99 17.53 -10.67
N THR A 30 -10.27 17.02 -11.65
CA THR A 30 -10.81 16.11 -12.69
C THR A 30 -10.47 14.67 -12.28
N GLY A 31 -11.31 13.74 -12.71
CA GLY A 31 -11.14 12.31 -12.48
C GLY A 31 -12.07 11.49 -13.32
N SER A 32 -12.04 10.16 -13.15
CA SER A 32 -12.90 9.20 -13.87
C SER A 32 -14.38 9.44 -13.53
N ALA A 33 -15.22 9.37 -14.55
CA ALA A 33 -16.69 9.18 -14.42
C ALA A 33 -16.96 8.07 -13.40
N GLY A 34 -17.76 8.38 -12.39
CA GLY A 34 -18.13 7.48 -11.30
C GLY A 34 -17.41 7.84 -10.03
N ASN A 35 -16.49 8.79 -10.02
CA ASN A 35 -15.64 9.02 -8.82
C ASN A 35 -15.95 10.36 -8.17
N ALA A 36 -17.01 11.03 -8.61
CA ALA A 36 -17.55 12.25 -8.00
C ALA A 36 -18.32 11.85 -6.75
N PRO A 37 -18.24 12.61 -5.63
CA PRO A 37 -19.14 12.39 -4.49
C PRO A 37 -20.55 12.80 -4.90
N SER A 38 -21.54 12.19 -4.28
CA SER A 38 -22.95 12.67 -4.30
C SER A 38 -23.00 14.08 -3.71
N LYS A 39 -23.67 14.98 -4.40
CA LYS A 39 -23.79 16.41 -4.03
C LYS A 39 -24.69 16.55 -2.80
N TRP A 40 -25.68 15.67 -2.64
CA TRP A 40 -26.52 15.55 -1.42
C TRP A 40 -25.62 15.29 -0.20
N ASP A 41 -24.69 14.35 -0.30
CA ASP A 41 -23.70 14.00 0.78
C ASP A 41 -22.88 15.26 1.10
N CYS A 42 -22.47 16.03 0.10
CA CYS A 42 -21.66 17.28 0.27
C CYS A 42 -22.49 18.38 0.95
N GLN A 43 -23.78 18.50 0.62
CA GLN A 43 -24.75 19.44 1.26
C GLN A 43 -24.85 19.12 2.78
N LEU A 44 -25.12 17.86 3.12
CA LEU A 44 -25.21 17.36 4.51
C LEU A 44 -23.89 17.59 5.24
N LEU A 45 -22.75 17.34 4.59
CA LEU A 45 -21.41 17.58 5.19
C LEU A 45 -21.33 19.04 5.64
N ARG A 46 -21.70 20.01 4.80
CA ARG A 46 -21.57 21.45 5.14
C ARG A 46 -22.55 21.80 6.26
N ASP A 47 -23.85 21.51 6.07
CA ASP A 47 -24.94 22.05 6.93
C ASP A 47 -25.19 21.19 8.15
N GLY A 48 -25.18 19.88 7.97
CA GLY A 48 -25.48 18.87 9.01
C GLY A 48 -24.28 18.65 9.89
N TYR A 49 -23.08 18.57 9.32
CA TYR A 49 -21.88 18.19 10.09
C TYR A 49 -21.03 19.41 10.40
N ILE A 50 -20.44 20.10 9.41
CA ILE A 50 -19.38 21.13 9.64
C ILE A 50 -20.01 22.26 10.43
N ALA A 51 -21.22 22.65 10.04
CA ALA A 51 -21.96 23.79 10.62
C ALA A 51 -22.09 23.60 12.12
N LYS A 52 -22.09 22.36 12.63
CA LYS A 52 -22.32 22.09 14.08
C LYS A 52 -21.00 21.95 14.82
N GLN A 53 -19.87 22.05 14.14
CA GLN A 53 -18.55 21.87 14.80
C GLN A 53 -18.04 23.25 15.22
N ASN A 54 -18.22 23.62 16.48
CA ASN A 54 -17.86 24.96 16.97
C ASN A 54 -16.37 24.95 17.28
N LYS A 55 -15.51 24.93 16.28
CA LYS A 55 -14.06 24.73 16.48
C LYS A 55 -13.27 25.15 15.26
N SER A 56 -11.95 25.12 15.47
CA SER A 56 -10.89 25.24 14.47
C SER A 56 -10.03 23.98 14.53
N TRP A 57 -9.39 23.62 13.42
CA TRP A 57 -8.56 22.40 13.32
C TRP A 57 -7.12 22.82 13.07
N LEU A 58 -6.19 22.27 13.81
CA LEU A 58 -4.75 22.48 13.58
C LEU A 58 -4.30 21.50 12.50
N ILE A 59 -3.74 22.02 11.41
CA ILE A 59 -3.31 21.23 10.22
C ILE A 59 -1.79 21.24 10.15
N SER A 60 -1.16 20.10 10.28
CA SER A 60 0.31 19.95 10.18
C SER A 60 0.65 18.84 9.19
N GLY A 61 -0.33 18.40 8.42
CA GLY A 61 -0.25 17.15 7.66
C GLY A 61 -1.63 16.78 7.14
N PRO A 62 -1.70 15.75 6.28
CA PRO A 62 -2.97 15.27 5.78
C PRO A 62 -3.93 14.97 6.93
N ARG A 63 -5.09 15.59 6.91
CA ARG A 63 -6.13 15.42 7.97
C ARG A 63 -7.50 15.52 7.31
N ILE A 64 -8.34 14.51 7.53
CA ILE A 64 -9.78 14.56 7.16
C ILE A 64 -10.54 15.29 8.27
N ILE A 65 -11.27 16.34 7.90
CA ILE A 65 -11.99 17.21 8.86
C ILE A 65 -13.41 16.67 9.01
N GLY A 66 -14.04 16.22 7.94
CA GLY A 66 -15.37 15.59 8.06
C GLY A 66 -15.74 14.81 6.83
N THR A 67 -16.59 13.80 7.03
CA THR A 67 -17.09 12.83 6.04
C THR A 67 -18.61 12.63 6.23
N VAL A 68 -19.35 12.75 5.14
CA VAL A 68 -20.72 12.19 5.02
C VAL A 68 -20.75 11.28 3.81
N ARG A 69 -20.74 9.96 4.08
CA ARG A 69 -20.83 8.85 3.09
C ARG A 69 -19.77 9.11 2.02
N THR A 70 -20.20 9.48 0.80
CA THR A 70 -19.33 9.65 -0.40
C THR A 70 -18.58 10.99 -0.39
N CYS A 71 -18.96 11.97 0.44
CA CYS A 71 -18.36 13.32 0.43
C CYS A 71 -17.47 13.58 1.67
N GLN A 72 -16.39 14.31 1.45
CA GLN A 72 -15.28 14.49 2.41
C GLN A 72 -14.60 15.83 2.21
N PHE A 73 -14.38 16.51 3.33
CA PHE A 73 -13.48 17.69 3.39
C PHE A 73 -12.20 17.30 4.11
N SER A 74 -11.08 17.61 3.49
CA SER A 74 -9.73 17.36 4.06
C SER A 74 -8.75 18.50 3.76
N ALA A 75 -7.60 18.50 4.45
CA ALA A 75 -6.53 19.52 4.32
C ALA A 75 -5.15 18.98 4.71
N THR A 76 -4.12 19.65 4.20
CA THR A 76 -2.71 19.44 4.54
C THR A 76 -2.02 20.81 4.52
N VAL A 77 -0.76 20.84 4.86
CA VAL A 77 0.11 22.05 4.78
C VAL A 77 0.88 21.95 3.49
N ASP A 78 0.98 23.01 2.70
CA ASP A 78 2.16 23.17 1.82
C ASP A 78 3.28 23.57 2.77
N VAL A 79 4.46 23.04 2.53
CA VAL A 79 5.67 23.26 3.40
C VAL A 79 5.54 22.35 4.63
N SER A 80 6.15 21.19 4.55
CA SER A 80 6.13 20.22 5.67
C SER A 80 6.88 20.90 6.83
N GLY A 81 6.61 20.48 8.05
CA GLY A 81 7.16 21.13 9.25
C GLY A 81 6.34 22.34 9.65
N THR A 82 5.50 22.93 8.80
CA THR A 82 4.57 24.02 9.21
C THR A 82 3.26 23.43 9.73
N ALA A 83 2.49 24.30 10.42
CA ALA A 83 1.18 24.00 11.07
C ALA A 83 0.32 25.27 11.13
N GLY A 84 -0.98 25.15 10.86
CA GLY A 84 -1.89 26.29 10.68
C GLY A 84 -3.32 25.91 11.04
N TRP A 85 -4.12 26.93 11.39
CA TRP A 85 -5.50 26.78 11.93
C TRP A 85 -6.49 27.07 10.81
N ILE A 86 -7.37 26.11 10.54
CA ILE A 86 -8.54 26.33 9.66
C ILE A 86 -9.80 26.23 10.53
N GLY A 87 -10.72 27.18 10.42
CA GLY A 87 -11.93 27.26 11.26
C GLY A 87 -13.17 26.77 10.53
N ARG A 88 -14.18 26.37 11.29
CA ARG A 88 -15.53 26.00 10.80
C ARG A 88 -15.99 26.96 9.71
N ASP A 89 -15.86 28.28 9.91
CA ASP A 89 -16.44 29.29 9.00
C ASP A 89 -15.62 29.37 7.72
N ASP A 90 -14.32 29.11 7.80
CA ASP A 90 -13.48 28.95 6.57
C ASP A 90 -14.07 27.83 5.71
N ILE A 91 -14.30 26.67 6.32
CA ILE A 91 -14.74 25.42 5.61
C ILE A 91 -16.15 25.64 5.07
N MET A 92 -17.05 26.23 5.86
CA MET A 92 -18.42 26.63 5.42
C MET A 92 -18.30 27.43 4.11
N ASP A 93 -17.47 28.48 4.08
CA ASP A 93 -17.30 29.34 2.88
C ASP A 93 -16.66 28.55 1.72
N LEU A 94 -15.58 27.80 1.98
CA LEU A 94 -14.84 27.07 0.92
C LEU A 94 -15.77 26.03 0.27
N MET A 95 -16.62 25.37 1.06
CA MET A 95 -17.58 24.37 0.58
C MET A 95 -18.67 25.04 -0.25
N LYS A 96 -19.25 26.16 0.23
CA LYS A 96 -20.31 26.93 -0.48
C LYS A 96 -19.78 27.37 -1.83
N ASP A 97 -18.60 27.99 -1.87
CA ASP A 97 -17.92 28.50 -3.08
C ASP A 97 -17.63 27.34 -4.05
N SER A 98 -17.16 26.20 -3.53
CA SER A 98 -16.77 25.03 -4.36
C SER A 98 -18.02 24.44 -5.03
N LEU A 99 -19.12 24.29 -4.30
CA LEU A 99 -20.37 23.69 -4.82
C LEU A 99 -21.05 24.65 -5.80
N ASN A 100 -20.88 25.97 -5.63
CA ASN A 100 -21.32 27.00 -6.61
C ASN A 100 -20.48 26.89 -7.88
N LEU A 101 -19.17 26.67 -7.76
CA LEU A 101 -18.28 26.60 -8.95
C LEU A 101 -18.49 25.28 -9.69
N TRP A 102 -18.87 24.22 -8.97
CA TRP A 102 -19.07 22.89 -9.59
C TRP A 102 -20.38 22.89 -10.39
N ALA A 113 -14.04 11.21 -17.94
CA ALA A 113 -13.45 12.38 -17.25
C ALA A 113 -14.58 13.29 -16.74
N MET A 114 -14.73 13.38 -15.42
CA MET A 114 -15.79 14.23 -14.82
C MET A 114 -15.19 15.03 -13.66
N GLN A 115 -15.74 16.22 -13.36
CA GLN A 115 -15.24 16.94 -12.16
C GLN A 115 -15.57 16.04 -10.96
N VAL A 116 -14.57 15.78 -10.11
CA VAL A 116 -14.77 14.86 -8.96
C VAL A 116 -14.52 15.60 -7.66
N GLY A 117 -14.14 16.88 -7.74
CA GLY A 117 -13.77 17.64 -6.54
C GLY A 117 -13.37 19.09 -6.82
N GLU A 118 -13.12 19.80 -5.71
CA GLU A 118 -12.47 21.14 -5.72
C GLU A 118 -11.35 21.13 -4.70
N SER A 119 -10.21 21.68 -5.08
CA SER A 119 -9.08 21.96 -4.18
C SER A 119 -8.73 23.45 -4.23
N GLY A 120 -7.93 23.85 -3.26
CA GLY A 120 -7.52 25.23 -3.07
C GLY A 120 -6.36 25.35 -2.11
N ASP A 121 -5.69 26.49 -2.24
CA ASP A 121 -4.59 26.91 -1.37
C ASP A 121 -5.01 28.21 -0.71
N VAL A 122 -4.88 28.25 0.60
CA VAL A 122 -5.35 29.37 1.44
C VAL A 122 -4.32 29.63 2.54
N ASN A 123 -4.23 30.89 2.95
CA ASN A 123 -3.29 31.39 3.99
C ASN A 123 -4.07 31.50 5.30
N CYS A 124 -3.54 30.84 6.34
CA CYS A 124 -4.23 30.68 7.64
C CYS A 124 -3.27 31.06 8.75
N VAL A 125 -3.83 31.44 9.91
CA VAL A 125 -3.01 31.80 11.10
C VAL A 125 -2.11 30.61 11.43
N ALA A 126 -0.83 30.85 11.67
CA ALA A 126 0.08 29.70 11.86
C ALA A 126 -0.31 28.87 13.08
N GLY A 127 -0.59 29.50 14.20
CA GLY A 127 -1.07 28.68 15.33
C GLY A 127 0.09 27.87 15.86
N GLY A 132 6.66 31.45 10.58
CA GLY A 132 6.08 32.70 10.05
C GLY A 132 4.77 33.14 10.72
N GLN A 133 4.12 34.23 10.25
CA GLN A 133 2.83 34.72 10.80
C GLN A 133 1.66 33.98 10.12
N LYS A 134 1.82 33.58 8.86
CA LYS A 134 0.76 33.00 8.01
C LYS A 134 1.25 31.69 7.42
N VAL A 135 0.33 30.70 7.29
CA VAL A 135 0.70 29.32 6.86
C VAL A 135 -0.18 28.91 5.68
N ARG A 136 0.43 28.32 4.63
CA ARG A 136 -0.32 27.86 3.44
C ARG A 136 -0.92 26.48 3.72
N ILE A 137 -2.26 26.42 3.65
CA ILE A 137 -3.07 25.17 3.82
C ILE A 137 -3.70 24.86 2.46
N ALA A 138 -3.45 23.63 2.01
CA ALA A 138 -4.04 23.01 0.80
C ALA A 138 -5.25 22.19 1.26
N TRP A 139 -6.45 22.64 0.89
CA TRP A 139 -7.72 21.93 1.21
C TRP A 139 -8.23 21.17 -0.03
N THR A 140 -9.08 20.17 0.20
CA THR A 140 -9.78 19.32 -0.79
C THR A 140 -11.22 19.04 -0.32
N LEU A 141 -12.15 19.30 -1.21
CA LEU A 141 -13.53 18.78 -1.15
C LEU A 141 -13.65 17.68 -2.22
N GLY A 142 -13.98 16.47 -1.82
CA GLY A 142 -14.01 15.35 -2.80
C GLY A 142 -14.61 14.07 -2.27
N HIS A 143 -14.45 12.98 -3.01
CA HIS A 143 -14.86 11.60 -2.61
C HIS A 143 -14.10 11.16 -1.35
N SER A 144 -14.83 10.55 -0.43
CA SER A 144 -14.38 9.82 0.79
C SER A 144 -13.51 8.58 0.54
N LEU B 17 24.42 -29.96 24.25
CA LEU B 17 24.23 -28.56 24.72
C LEU B 17 23.09 -27.88 23.95
N ARG B 18 22.21 -27.17 24.67
CA ARG B 18 21.09 -26.42 24.04
C ARG B 18 21.60 -25.04 23.64
N ASN B 19 22.65 -24.54 24.31
CA ASN B 19 23.31 -23.28 23.87
C ASN B 19 24.47 -23.63 22.92
N ASN B 20 24.33 -23.31 21.65
CA ASN B 20 25.33 -23.62 20.59
C ASN B 20 25.88 -22.34 19.95
N CYS B 21 25.27 -21.20 20.24
CA CYS B 21 25.66 -19.98 19.48
C CYS B 21 26.04 -18.82 20.41
N ASP B 22 26.82 -17.88 19.89
CA ASP B 22 27.30 -16.72 20.69
C ASP B 22 26.53 -15.45 20.32
N GLY B 23 27.22 -14.31 20.33
CA GLY B 23 26.58 -13.01 20.09
C GLY B 23 25.98 -12.81 18.71
N SER B 24 24.67 -12.58 18.65
CA SER B 24 23.95 -12.28 17.38
C SER B 24 23.88 -10.77 17.12
N THR B 25 23.77 -10.40 15.84
CA THR B 25 23.26 -9.08 15.39
C THR B 25 21.73 -9.11 15.46
N PHE B 26 21.13 -7.93 15.50
CA PHE B 26 19.67 -7.73 15.52
C PHE B 26 19.31 -6.65 14.51
N VAL B 27 18.57 -7.02 13.47
CA VAL B 27 18.10 -6.11 12.39
C VAL B 27 16.57 -6.09 12.41
N PRO B 28 15.92 -4.94 12.67
CA PRO B 28 14.47 -4.87 12.58
C PRO B 28 14.07 -4.94 11.11
N VAL B 29 13.14 -5.86 10.82
CA VAL B 29 12.65 -6.12 9.44
C VAL B 29 11.39 -5.28 9.23
N THR B 30 11.37 -4.46 8.20
CA THR B 30 10.31 -3.54 7.84
C THR B 30 9.43 -4.18 6.74
N GLY B 31 8.15 -3.84 6.74
CA GLY B 31 7.17 -4.33 5.75
C GLY B 31 5.87 -3.58 5.84
N SER B 32 4.91 -3.99 5.02
CA SER B 32 3.54 -3.39 4.97
C SER B 32 2.81 -3.61 6.30
N ALA B 33 2.12 -2.57 6.76
CA ALA B 33 1.06 -2.65 7.80
C ALA B 33 0.13 -3.83 7.46
N GLY B 34 -0.05 -4.73 8.42
CA GLY B 34 -0.91 -5.91 8.32
C GLY B 34 -0.09 -7.16 8.15
N ASN B 35 1.22 -7.07 8.01
CA ASN B 35 2.06 -8.25 7.69
C ASN B 35 2.96 -8.59 8.86
N ALA B 36 2.74 -7.95 10.01
CA ALA B 36 3.37 -8.28 11.31
C ALA B 36 2.65 -9.51 11.86
N PRO B 37 3.36 -10.49 12.46
CA PRO B 37 2.72 -11.56 13.21
C PRO B 37 2.07 -10.96 14.45
N SER B 38 1.03 -11.60 14.96
CA SER B 38 0.51 -11.37 16.31
C SER B 38 1.61 -11.71 17.33
N LYS B 39 1.83 -10.81 18.28
CA LYS B 39 2.87 -10.91 19.32
C LYS B 39 2.50 -11.99 20.34
N TRP B 40 1.21 -12.22 20.58
CA TRP B 40 0.70 -13.36 21.39
C TRP B 40 1.19 -14.67 20.75
N ASP B 41 1.04 -14.84 19.43
CA ASP B 41 1.49 -16.02 18.67
C ASP B 41 3.01 -16.19 18.88
N CYS B 42 3.78 -15.10 18.87
CA CYS B 42 5.25 -15.09 19.04
C CYS B 42 5.63 -15.49 20.48
N GLN B 43 4.87 -15.04 21.47
CA GLN B 43 5.01 -15.41 22.90
C GLN B 43 4.81 -16.93 23.09
N LEU B 44 3.71 -17.48 22.57
CA LEU B 44 3.39 -18.94 22.58
C LEU B 44 4.48 -19.72 21.84
N LEU B 45 4.97 -19.22 20.71
CA LEU B 45 6.07 -19.87 19.96
C LEU B 45 7.27 -20.05 20.90
N ARG B 46 7.68 -19.02 21.64
CA ARG B 46 8.88 -19.09 22.51
C ARG B 46 8.59 -20.02 23.69
N ASP B 47 7.52 -19.79 24.43
CA ASP B 47 7.27 -20.40 25.76
C ASP B 47 6.55 -21.74 25.64
N GLY B 48 5.56 -21.83 24.76
CA GLY B 48 4.71 -23.01 24.57
C GLY B 48 5.37 -24.02 23.68
N TYR B 49 6.05 -23.59 22.62
CA TYR B 49 6.60 -24.53 21.61
C TYR B 49 8.11 -24.69 21.83
N ILE B 50 8.93 -23.63 21.62
CA ILE B 50 10.42 -23.78 21.54
C ILE B 50 10.89 -24.29 22.90
N ALA B 51 10.36 -23.70 23.97
CA ALA B 51 10.78 -23.96 25.36
C ALA B 51 10.59 -25.48 25.66
N LYS B 52 9.70 -26.20 24.97
CA LYS B 52 9.44 -27.64 25.24
C LYS B 52 10.29 -28.53 24.36
N GLN B 53 11.07 -27.98 23.45
CA GLN B 53 11.87 -28.81 22.53
C GLN B 53 13.26 -28.96 23.14
N ASN B 54 13.53 -30.07 23.84
CA ASN B 54 14.87 -30.23 24.46
C ASN B 54 15.82 -30.75 23.37
N LYS B 55 16.23 -29.90 22.45
CA LYS B 55 17.04 -30.31 21.28
C LYS B 55 17.77 -29.12 20.67
N SER B 56 18.56 -29.42 19.67
CA SER B 56 19.22 -28.48 18.74
C SER B 56 18.83 -28.84 17.30
N TRP B 57 18.89 -27.89 16.39
CA TRP B 57 18.50 -28.08 14.98
C TRP B 57 19.72 -27.88 14.10
N LEU B 58 19.97 -28.81 13.18
CA LEU B 58 21.04 -28.65 12.18
C LEU B 58 20.49 -27.81 11.03
N ILE B 59 21.19 -26.70 10.73
CA ILE B 59 20.78 -25.72 9.67
C ILE B 59 21.79 -25.83 8.54
N SER B 60 21.34 -26.24 7.37
CA SER B 60 22.23 -26.33 6.15
C SER B 60 21.57 -25.61 4.99
N GLY B 61 20.57 -24.80 5.28
CA GLY B 61 19.76 -24.10 4.29
C GLY B 61 18.47 -23.61 4.91
N PRO B 62 17.60 -22.96 4.13
CA PRO B 62 16.33 -22.45 4.65
C PRO B 62 15.56 -23.55 5.39
N ARG B 63 15.23 -23.31 6.66
CA ARG B 63 14.52 -24.29 7.51
C ARG B 63 13.63 -23.51 8.49
N ILE B 64 12.36 -23.86 8.56
CA ILE B 64 11.43 -23.38 9.62
C ILE B 64 11.61 -24.24 10.87
N ILE B 65 11.87 -23.62 12.00
CA ILE B 65 12.15 -24.31 13.29
C ILE B 65 10.84 -24.50 14.04
N GLY B 66 9.95 -23.51 14.02
CA GLY B 66 8.60 -23.71 14.59
C GLY B 66 7.71 -22.56 14.24
N THR B 67 6.41 -22.84 14.28
CA THR B 67 5.27 -21.97 13.89
C THR B 67 4.17 -22.07 14.95
N VAL B 68 3.68 -20.92 15.40
CA VAL B 68 2.36 -20.80 16.08
C VAL B 68 1.57 -19.76 15.30
N ARG B 69 0.59 -20.25 14.52
CA ARG B 69 -0.39 -19.49 13.71
C ARG B 69 0.40 -18.49 12.87
N THR B 70 0.32 -17.19 13.20
CA THR B 70 0.89 -16.06 12.42
C THR B 70 2.39 -15.90 12.68
N CYS B 71 2.96 -16.48 13.74
CA CYS B 71 4.38 -16.29 14.12
C CYS B 71 5.24 -17.52 13.86
N GLN B 72 6.48 -17.26 13.45
CA GLN B 72 7.41 -18.26 12.89
C GLN B 72 8.86 -17.87 13.17
N PHE B 73 9.61 -18.86 13.63
CA PHE B 73 11.09 -18.80 13.70
C PHE B 73 11.67 -19.68 12.63
N SER B 74 12.57 -19.11 11.86
CA SER B 74 13.29 -19.83 10.78
C SER B 74 14.76 -19.41 10.70
N ALA B 75 15.57 -20.17 9.97
CA ALA B 75 17.02 -19.93 9.80
C ALA B 75 17.56 -20.53 8.50
N THR B 76 18.69 -19.99 8.08
CA THR B 76 19.51 -20.51 6.96
C THR B 76 20.99 -20.33 7.32
N VAL B 77 21.87 -20.89 6.49
CA VAL B 77 23.34 -20.73 6.71
C VAL B 77 23.83 -19.56 5.85
N ASP B 78 24.75 -18.77 6.38
CA ASP B 78 25.31 -17.62 5.61
C ASP B 78 26.05 -18.14 4.38
N VAL B 79 26.79 -19.24 4.50
CA VAL B 79 27.62 -19.72 3.36
C VAL B 79 27.01 -21.00 2.80
N SER B 80 26.78 -21.03 1.49
CA SER B 80 26.25 -22.26 0.83
C SER B 80 27.23 -23.41 1.09
N GLY B 81 26.71 -24.61 1.37
CA GLY B 81 27.57 -25.77 1.61
C GLY B 81 27.97 -25.89 3.07
N THR B 82 27.80 -24.88 3.92
CA THR B 82 28.04 -25.01 5.38
C THR B 82 26.77 -25.51 6.09
N ALA B 83 26.93 -25.91 7.36
CA ALA B 83 25.90 -26.46 8.27
C ALA B 83 26.28 -26.13 9.73
N GLY B 84 25.30 -25.79 10.56
CA GLY B 84 25.49 -25.28 11.92
C GLY B 84 24.32 -25.66 12.82
N TRP B 85 24.59 -25.76 14.11
CA TRP B 85 23.65 -26.20 15.16
C TRP B 85 23.13 -24.97 15.89
N ILE B 86 21.81 -24.81 15.91
CA ILE B 86 21.16 -23.76 16.75
C ILE B 86 20.31 -24.51 17.79
N GLY B 87 20.44 -24.17 19.05
CA GLY B 87 19.78 -24.86 20.17
C GLY B 87 18.59 -24.14 20.70
N ARG B 88 17.72 -24.88 21.40
CA ARG B 88 16.53 -24.34 22.10
C ARG B 88 16.88 -23.02 22.80
N ASP B 89 17.98 -22.99 23.57
CA ASP B 89 18.29 -21.83 24.46
C ASP B 89 18.79 -20.66 23.63
N ASP B 90 19.41 -20.91 22.49
CA ASP B 90 19.76 -19.83 21.53
C ASP B 90 18.48 -19.14 21.08
N ILE B 91 17.49 -19.92 20.65
CA ILE B 91 16.24 -19.40 20.05
C ILE B 91 15.43 -18.69 21.14
N MET B 92 15.35 -19.27 22.34
CA MET B 92 14.74 -18.63 23.54
C MET B 92 15.32 -17.22 23.70
N ASP B 93 16.64 -17.09 23.75
CA ASP B 93 17.32 -15.78 23.94
C ASP B 93 17.08 -14.84 22.73
N LEU B 94 17.22 -15.33 21.50
CA LEU B 94 17.05 -14.52 20.27
C LEU B 94 15.62 -13.98 20.21
N MET B 95 14.64 -14.79 20.58
CA MET B 95 13.21 -14.40 20.59
C MET B 95 12.95 -13.37 21.69
N LYS B 96 13.48 -13.57 22.90
CA LYS B 96 13.32 -12.66 24.05
C LYS B 96 13.89 -11.28 23.68
N ASP B 97 15.11 -11.26 23.18
CA ASP B 97 15.82 -10.03 22.72
C ASP B 97 15.07 -9.35 21.58
N SER B 98 14.55 -10.11 20.62
CA SER B 98 13.83 -9.56 19.44
C SER B 98 12.53 -8.88 19.88
N LEU B 99 11.75 -9.53 20.76
CA LEU B 99 10.45 -9.03 21.24
C LEU B 99 10.66 -7.83 22.17
N ASN B 100 11.79 -7.76 22.89
CA ASN B 100 12.20 -6.58 23.69
C ASN B 100 12.58 -5.42 22.78
N LEU B 101 13.30 -5.67 21.69
CA LEU B 101 13.74 -4.62 20.72
C LEU B 101 12.55 -4.10 19.90
N TRP B 102 11.51 -4.87 19.74
CA TRP B 102 10.29 -4.58 18.97
C TRP B 102 9.25 -3.96 19.87
N ALA B 113 3.77 1.24 6.62
CA ALA B 113 4.96 0.47 7.07
C ALA B 113 4.93 0.29 8.58
N MET B 114 5.50 -0.81 9.04
CA MET B 114 5.71 -1.15 10.48
C MET B 114 6.89 -2.14 10.54
N GLN B 115 7.36 -2.44 11.75
CA GLN B 115 8.22 -3.62 11.97
C GLN B 115 7.37 -4.91 11.81
N VAL B 116 7.79 -5.81 10.94
CA VAL B 116 7.06 -7.08 10.69
C VAL B 116 7.89 -8.27 11.18
N GLY B 117 9.09 -8.01 11.69
CA GLY B 117 10.02 -9.06 12.10
C GLY B 117 11.34 -8.56 12.66
N GLU B 118 12.16 -9.51 13.11
CA GLU B 118 13.58 -9.33 13.47
C GLU B 118 14.38 -10.44 12.81
N SER B 119 15.51 -10.07 12.25
CA SER B 119 16.54 -10.99 11.74
C SER B 119 17.88 -10.69 12.42
N GLY B 120 18.79 -11.63 12.24
CA GLY B 120 20.12 -11.59 12.87
C GLY B 120 21.05 -12.60 12.26
N ASP B 121 22.33 -12.33 12.47
CA ASP B 121 23.44 -13.21 12.07
C ASP B 121 24.20 -13.59 13.34
N VAL B 122 24.42 -14.89 13.50
CA VAL B 122 25.00 -15.46 14.74
C VAL B 122 25.94 -16.60 14.34
N ASN B 123 27.00 -16.78 15.14
CA ASN B 123 27.99 -17.87 14.98
C ASN B 123 27.63 -19.04 15.88
N CYS B 124 27.53 -20.22 15.26
CA CYS B 124 27.06 -21.46 15.91
C CYS B 124 28.05 -22.58 15.64
N VAL B 125 28.06 -23.58 16.51
CA VAL B 125 28.87 -24.82 16.38
C VAL B 125 28.60 -25.44 15.01
N ALA B 126 29.66 -25.83 14.29
CA ALA B 126 29.58 -26.43 12.95
C ALA B 126 28.88 -27.79 13.00
N GLY B 127 28.31 -28.24 11.90
CA GLY B 127 27.79 -29.62 11.70
C GLY B 127 28.85 -30.44 11.00
N GLN B 133 35.24 -24.73 13.26
CA GLN B 133 34.40 -25.09 14.43
C GLN B 133 33.23 -24.11 14.58
N LYS B 134 33.10 -23.13 13.67
CA LYS B 134 32.03 -22.10 13.79
C LYS B 134 31.35 -21.88 12.44
N VAL B 135 30.06 -21.52 12.45
CA VAL B 135 29.24 -21.39 11.21
C VAL B 135 28.29 -20.20 11.38
N ARG B 136 28.22 -19.32 10.37
CA ARG B 136 27.28 -18.18 10.39
C ARG B 136 25.87 -18.66 10.04
N ILE B 137 24.95 -18.46 10.97
CA ILE B 137 23.50 -18.75 10.82
C ILE B 137 22.74 -17.42 10.81
N ALA B 138 21.96 -17.23 9.74
CA ALA B 138 21.03 -16.10 9.56
C ALA B 138 19.66 -16.56 10.01
N TRP B 139 19.16 -16.01 11.11
CA TRP B 139 17.83 -16.37 11.68
C TRP B 139 16.82 -15.25 11.37
N THR B 140 15.53 -15.61 11.41
CA THR B 140 14.36 -14.73 11.20
C THR B 140 13.24 -15.11 12.19
N LEU B 141 12.78 -14.11 12.90
CA LEU B 141 11.49 -14.14 13.62
C LEU B 141 10.49 -13.29 12.84
N GLY B 142 9.38 -13.87 12.38
CA GLY B 142 8.48 -13.13 11.48
C GLY B 142 7.14 -13.83 11.24
N HIS B 143 6.38 -13.35 10.27
CA HIS B 143 5.06 -13.95 9.95
C HIS B 143 5.23 -15.32 9.28
N SER B 144 4.44 -16.29 9.73
CA SER B 144 4.13 -17.54 8.99
C SER B 144 4.06 -17.29 7.49
N GLY C 16 -35.89 22.81 27.10
CA GLY C 16 -35.70 21.42 27.53
C GLY C 16 -35.40 21.33 29.02
N LEU C 17 -36.36 20.83 29.81
CA LEU C 17 -36.19 20.75 31.28
C LEU C 17 -35.75 19.35 31.75
N ARG C 18 -35.52 18.41 30.83
CA ARG C 18 -35.20 17.01 31.26
C ARG C 18 -33.71 16.84 31.57
N ASN C 19 -33.24 17.42 32.67
CA ASN C 19 -31.83 17.25 33.12
C ASN C 19 -31.90 16.61 34.51
N ASN C 20 -31.84 15.29 34.59
CA ASN C 20 -32.02 14.58 35.88
C ASN C 20 -30.68 14.22 36.51
N CYS C 21 -29.57 14.56 35.84
CA CYS C 21 -28.24 14.15 36.35
C CYS C 21 -27.31 15.36 36.45
N ASP C 22 -26.25 15.25 37.28
CA ASP C 22 -25.25 16.33 37.39
C ASP C 22 -23.84 15.75 37.56
N GLY C 23 -22.82 16.48 37.13
CA GLY C 23 -21.43 16.07 37.38
C GLY C 23 -21.00 14.77 36.73
N SER C 24 -20.74 14.78 35.42
CA SER C 24 -20.18 13.56 34.77
C SER C 24 -18.65 13.64 34.63
N THR C 25 -18.01 12.48 34.74
CA THR C 25 -16.62 12.24 34.27
C THR C 25 -16.66 12.00 32.75
N PHE C 26 -15.51 12.17 32.10
CA PHE C 26 -15.33 11.98 30.64
C PHE C 26 -14.06 11.18 30.42
N VAL C 27 -14.20 9.95 29.93
CA VAL C 27 -13.05 9.03 29.67
C VAL C 27 -13.04 8.71 28.18
N PRO C 28 -11.99 9.06 27.42
CA PRO C 28 -11.89 8.67 26.02
C PRO C 28 -11.64 7.15 25.97
N VAL C 29 -12.46 6.46 25.19
CA VAL C 29 -12.39 4.99 25.00
C VAL C 29 -11.54 4.71 23.76
N THR C 30 -10.50 3.90 23.92
CA THR C 30 -9.53 3.53 22.85
C THR C 30 -9.94 2.17 22.27
N GLY C 31 -9.61 1.95 21.01
CA GLY C 31 -9.85 0.68 20.31
C GLY C 31 -9.16 0.64 18.97
N SER C 32 -9.36 -0.43 18.21
CA SER C 32 -8.80 -0.65 16.87
C SER C 32 -9.30 0.42 15.89
N ALA C 33 -8.38 0.92 15.06
CA ALA C 33 -8.70 1.66 13.81
C ALA C 33 -9.78 0.92 13.05
N GLY C 34 -10.88 1.62 12.75
CA GLY C 34 -12.01 1.05 11.99
C GLY C 34 -13.18 0.75 12.87
N ASN C 35 -13.05 0.92 14.19
CA ASN C 35 -14.13 0.55 15.13
C ASN C 35 -14.75 1.78 15.77
N ALA C 36 -14.38 2.96 15.29
CA ALA C 36 -14.98 4.25 15.65
C ALA C 36 -16.30 4.36 14.92
N PRO C 37 -17.38 4.88 15.56
CA PRO C 37 -18.59 5.26 14.83
C PRO C 37 -18.27 6.44 13.93
N SER C 38 -19.01 6.56 12.83
CA SER C 38 -19.09 7.79 12.02
C SER C 38 -19.63 8.92 12.88
N LYS C 39 -18.96 10.06 12.86
CA LYS C 39 -19.29 11.25 13.68
C LYS C 39 -20.59 11.89 13.15
N TRP C 40 -20.85 11.81 11.85
CA TRP C 40 -22.15 12.20 11.24
C TRP C 40 -23.29 11.42 11.92
N ASP C 41 -23.15 10.09 12.05
CA ASP C 41 -24.14 9.20 12.72
C ASP C 41 -24.34 9.68 14.16
N CYS C 42 -23.27 10.06 14.86
CA CYS C 42 -23.31 10.55 16.27
C CYS C 42 -24.03 11.90 16.36
N GLN C 43 -23.80 12.79 15.39
CA GLN C 43 -24.49 14.10 15.27
C GLN C 43 -26.03 13.89 15.12
N LEU C 44 -26.43 13.06 14.17
CA LEU C 44 -27.84 12.69 13.93
C LEU C 44 -28.45 12.02 15.15
N LEU C 45 -27.71 11.16 15.85
CA LEU C 45 -28.19 10.52 17.10
C LEU C 45 -28.58 11.62 18.09
N ARG C 46 -27.75 12.65 18.29
CA ARG C 46 -28.03 13.73 19.26
C ARG C 46 -29.23 14.55 18.80
N ASP C 47 -29.16 15.09 17.58
CA ASP C 47 -30.04 16.16 17.07
C ASP C 47 -31.30 15.62 16.43
N GLY C 48 -31.20 14.53 15.69
CA GLY C 48 -32.31 13.90 14.99
C GLY C 48 -33.09 12.99 15.91
N TYR C 49 -32.42 12.22 16.76
CA TYR C 49 -33.11 11.15 17.52
C TYR C 49 -33.32 11.60 18.96
N ILE C 50 -32.23 11.82 19.74
CA ILE C 50 -32.37 12.02 21.22
C ILE C 50 -33.18 13.29 21.43
N ALA C 51 -32.88 14.33 20.65
CA ALA C 51 -33.49 15.67 20.76
C ALA C 51 -35.01 15.56 20.64
N LYS C 52 -35.56 14.54 19.98
CA LYS C 52 -37.03 14.42 19.77
C LYS C 52 -37.66 13.54 20.85
N GLN C 53 -36.89 12.98 21.77
CA GLN C 53 -37.45 12.04 22.77
C GLN C 53 -37.83 12.83 24.03
N ASN C 54 -39.10 13.16 24.19
CA ASN C 54 -39.55 13.97 25.34
C ASN C 54 -39.72 13.02 26.52
N LYS C 55 -38.61 12.60 27.12
CA LYS C 55 -38.66 11.56 28.18
C LYS C 55 -37.33 11.52 28.93
N SER C 56 -37.40 10.72 29.99
CA SER C 56 -36.29 10.22 30.80
C SER C 56 -36.33 8.69 30.74
N TRP C 57 -35.18 8.07 30.92
CA TRP C 57 -35.04 6.60 30.86
C TRP C 57 -34.63 6.10 32.22
N LEU C 58 -35.32 5.08 32.70
CA LEU C 58 -34.94 4.40 33.95
C LEU C 58 -33.83 3.39 33.62
N ILE C 59 -32.69 3.50 34.30
CA ILE C 59 -31.49 2.66 34.05
C ILE C 59 -31.30 1.78 35.27
N SER C 60 -31.42 0.46 35.09
CA SER C 60 -31.23 -0.52 36.19
C SER C 60 -30.24 -1.59 35.75
N GLY C 61 -29.53 -1.34 34.65
CA GLY C 61 -28.74 -2.37 33.98
C GLY C 61 -28.37 -1.90 32.58
N PRO C 62 -27.56 -2.68 31.83
CA PRO C 62 -27.22 -2.33 30.47
C PRO C 62 -28.49 -2.04 29.64
N ARG C 63 -28.55 -0.84 29.08
CA ARG C 63 -29.69 -0.40 28.23
C ARG C 63 -29.13 0.50 27.13
N ILE C 64 -29.49 0.21 25.89
CA ILE C 64 -29.25 1.13 24.74
C ILE C 64 -30.37 2.16 24.70
N ILE C 65 -30.01 3.43 24.68
CA ILE C 65 -30.97 4.56 24.73
C ILE C 65 -31.32 4.95 23.29
N GLY C 66 -30.36 4.98 22.38
CA GLY C 66 -30.64 5.19 20.97
C GLY C 66 -29.45 4.87 20.10
N THR C 67 -29.76 4.58 18.84
CA THR C 67 -28.85 4.13 17.75
C THR C 67 -29.18 4.89 16.46
N VAL C 68 -28.16 5.45 15.83
CA VAL C 68 -28.23 5.85 14.40
C VAL C 68 -27.04 5.17 13.72
N ARG C 69 -27.35 4.12 12.94
CA ARG C 69 -26.39 3.32 12.12
C ARG C 69 -25.22 2.91 13.00
N THR C 70 -24.04 3.49 12.77
CA THR C 70 -22.75 3.12 13.44
C THR C 70 -22.66 3.71 14.85
N CYS C 71 -23.46 4.72 15.21
CA CYS C 71 -23.35 5.42 16.52
C CYS C 71 -24.48 5.07 17.47
N GLN C 72 -24.14 5.00 18.74
CA GLN C 72 -24.98 4.44 19.81
C GLN C 72 -24.68 5.11 21.16
N PHE C 73 -25.72 5.50 21.84
CA PHE C 73 -25.67 5.90 23.26
C PHE C 73 -26.28 4.82 24.11
N SER C 74 -25.56 4.41 25.13
CA SER C 74 -26.01 3.37 26.09
C SER C 74 -25.56 3.70 27.52
N ALA C 75 -26.14 3.01 28.51
CA ALA C 75 -25.91 3.24 29.95
C ALA C 75 -26.21 2.00 30.80
N THR C 76 -25.65 1.99 32.00
CA THR C 76 -25.92 0.90 32.97
C THR C 76 -25.98 1.56 34.36
N VAL C 77 -26.01 0.79 35.44
CA VAL C 77 -25.97 1.40 36.80
C VAL C 77 -24.70 0.92 37.50
N ASP C 78 -23.94 1.85 38.10
CA ASP C 78 -22.76 1.42 38.89
C ASP C 78 -23.31 0.59 40.06
N VAL C 79 -22.62 -0.51 40.41
CA VAL C 79 -23.10 -1.43 41.49
C VAL C 79 -24.18 -2.32 40.86
N SER C 80 -24.84 -3.16 41.65
CA SER C 80 -25.95 -4.00 41.12
C SER C 80 -27.18 -3.84 42.02
N GLY C 81 -28.37 -3.76 41.44
CA GLY C 81 -29.58 -3.56 42.25
C GLY C 81 -30.03 -2.11 42.31
N THR C 82 -29.23 -1.11 41.89
CA THR C 82 -29.67 0.31 41.88
C THR C 82 -30.36 0.63 40.55
N ALA C 83 -31.08 1.77 40.53
CA ALA C 83 -31.86 2.28 39.37
C ALA C 83 -31.93 3.81 39.42
N GLY C 84 -31.78 4.47 38.27
CA GLY C 84 -31.63 5.93 38.19
C GLY C 84 -32.14 6.46 36.86
N TRP C 85 -32.55 7.75 36.86
CA TRP C 85 -33.23 8.40 35.73
C TRP C 85 -32.23 9.27 34.97
N ILE C 86 -32.06 9.00 33.68
CA ILE C 86 -31.26 9.88 32.78
C ILE C 86 -32.23 10.51 31.79
N GLY C 87 -32.19 11.84 31.65
CA GLY C 87 -33.15 12.58 30.81
C GLY C 87 -32.56 12.96 29.47
N ARG C 88 -33.45 13.20 28.50
CA ARG C 88 -33.08 13.71 27.16
C ARG C 88 -31.94 14.74 27.25
N ASP C 89 -32.07 15.74 28.12
CA ASP C 89 -31.19 16.94 28.16
C ASP C 89 -29.84 16.55 28.76
N ASP C 90 -29.81 15.57 29.65
CA ASP C 90 -28.53 14.98 30.13
C ASP C 90 -27.75 14.43 28.94
N ILE C 91 -28.41 13.63 28.12
CA ILE C 91 -27.76 12.91 26.99
C ILE C 91 -27.35 13.91 25.92
N MET C 92 -28.21 14.90 25.62
CA MET C 92 -27.86 16.05 24.73
C MET C 92 -26.52 16.65 25.17
N ASP C 93 -26.40 17.00 26.45
CA ASP C 93 -25.17 17.65 26.97
C ASP C 93 -23.97 16.68 26.95
N LEU C 94 -24.15 15.44 27.39
CA LEU C 94 -23.07 14.43 27.43
C LEU C 94 -22.52 14.18 26.03
N MET C 95 -23.40 14.12 25.03
CA MET C 95 -23.02 13.90 23.62
C MET C 95 -22.29 15.12 23.06
N LYS C 96 -22.77 16.34 23.33
CA LYS C 96 -22.15 17.61 22.88
C LYS C 96 -20.71 17.69 23.44
N ASP C 97 -20.56 17.47 24.74
CA ASP C 97 -19.26 17.49 25.45
C ASP C 97 -18.34 16.40 24.90
N SER C 98 -18.85 15.19 24.65
CA SER C 98 -18.05 14.03 24.19
C SER C 98 -17.49 14.30 22.79
N LEU C 99 -18.32 14.83 21.89
CA LEU C 99 -17.93 15.09 20.49
C LEU C 99 -16.97 16.28 20.43
N ASN C 100 -17.07 17.24 21.35
CA ASN C 100 -16.11 18.36 21.51
C ASN C 100 -14.76 17.84 22.02
N LEU C 101 -14.76 16.93 22.99
CA LEU C 101 -13.51 16.36 23.59
C LEU C 101 -12.80 15.43 22.60
N TRP C 102 -13.50 14.86 21.63
CA TRP C 102 -12.97 13.79 20.75
C TRP C 102 -12.15 14.31 19.55
N LYS C 103 -10.88 13.92 19.48
CA LYS C 103 -9.98 14.15 18.33
C LYS C 103 -9.66 12.80 17.66
N ALA C 113 -4.63 1.95 16.48
CA ALA C 113 -5.48 2.49 17.57
C ALA C 113 -5.99 3.88 17.21
N MET C 114 -7.16 4.22 17.73
CA MET C 114 -7.81 5.56 17.67
C MET C 114 -8.81 5.63 18.83
N GLN C 115 -9.38 6.82 19.09
CA GLN C 115 -10.56 6.95 19.96
C GLN C 115 -11.78 6.35 19.25
N VAL C 116 -12.46 5.40 19.90
CA VAL C 116 -13.67 4.74 19.32
C VAL C 116 -14.91 5.13 20.09
N GLY C 117 -14.75 5.94 21.15
CA GLY C 117 -15.87 6.29 22.02
C GLY C 117 -15.51 7.24 23.17
N GLU C 118 -16.54 7.62 23.93
CA GLU C 118 -16.43 8.35 25.22
C GLU C 118 -17.35 7.66 26.20
N SER C 119 -16.87 7.46 27.42
CA SER C 119 -17.64 6.99 28.58
C SER C 119 -17.52 7.98 29.72
N GLY C 120 -18.41 7.80 30.69
CA GLY C 120 -18.51 8.67 31.85
C GLY C 120 -19.37 8.08 32.95
N ASP C 121 -19.16 8.62 34.14
CA ASP C 121 -19.93 8.30 35.35
C ASP C 121 -20.59 9.58 35.83
N VAL C 122 -21.89 9.49 36.07
CA VAL C 122 -22.74 10.66 36.41
C VAL C 122 -23.75 10.22 37.47
N ASN C 123 -24.14 11.16 38.32
CA ASN C 123 -25.10 10.97 39.43
C ASN C 123 -26.47 11.46 38.98
N CYS C 124 -27.48 10.61 39.08
CA CYS C 124 -28.85 10.83 38.58
C CYS C 124 -29.87 10.50 39.66
N VAL C 125 -31.09 11.05 39.55
CA VAL C 125 -32.21 10.81 40.51
C VAL C 125 -32.47 9.30 40.65
N LYS C 134 -29.62 9.86 45.00
CA LYS C 134 -28.82 10.00 43.74
C LYS C 134 -28.05 8.70 43.49
N VAL C 135 -27.97 8.28 42.23
CA VAL C 135 -27.51 6.93 41.79
C VAL C 135 -26.49 7.11 40.66
N ARG C 136 -25.42 6.29 40.69
CA ARG C 136 -24.31 6.37 39.71
C ARG C 136 -24.72 5.61 38.45
N ILE C 137 -24.77 6.35 37.33
CA ILE C 137 -25.00 5.85 35.96
C ILE C 137 -23.71 6.01 35.17
N ALA C 138 -23.27 4.87 34.62
CA ALA C 138 -22.14 4.75 33.68
C ALA C 138 -22.72 4.79 32.26
N TRP C 139 -22.45 5.85 31.51
CA TRP C 139 -22.88 6.02 30.11
C TRP C 139 -21.71 5.76 29.16
N THR C 140 -22.06 5.45 27.90
CA THR C 140 -21.16 5.18 26.75
C THR C 140 -21.77 5.79 25.48
N LEU C 141 -20.94 6.58 24.81
CA LEU C 141 -21.14 6.95 23.39
C LEU C 141 -20.13 6.17 22.56
N GLY C 142 -20.57 5.37 21.60
CA GLY C 142 -19.66 4.46 20.87
C GLY C 142 -20.30 3.77 19.68
N HIS C 143 -19.59 2.82 19.08
CA HIS C 143 -20.08 1.97 17.96
C HIS C 143 -21.31 1.17 18.41
N SER C 144 -22.32 1.14 17.55
CA SER C 144 -23.53 0.27 17.59
C SER C 144 -23.25 -1.24 17.54
N ASN D 20 3.43 26.07 -24.19
CA ASN D 20 2.09 26.70 -24.32
C ASN D 20 1.53 27.00 -22.93
N CYS D 21 1.93 26.22 -21.92
CA CYS D 21 1.40 26.40 -20.55
C CYS D 21 2.54 26.77 -19.60
N ASP D 22 2.38 27.83 -18.81
CA ASP D 22 3.49 28.33 -17.96
C ASP D 22 3.01 28.77 -16.58
N GLY D 23 3.92 28.79 -15.58
CA GLY D 23 3.57 29.29 -14.24
C GLY D 23 2.42 28.54 -13.59
N SER D 24 2.37 27.22 -13.76
CA SER D 24 1.24 26.41 -13.21
C SER D 24 1.30 26.32 -11.69
N THR D 25 0.22 26.69 -10.99
CA THR D 25 0.11 26.47 -9.53
C THR D 25 0.20 24.97 -9.26
N PHE D 26 0.50 24.61 -8.03
CA PHE D 26 0.61 23.22 -7.54
C PHE D 26 -0.11 23.13 -6.19
N VAL D 27 -1.20 22.38 -6.15
CA VAL D 27 -2.04 22.17 -4.94
C VAL D 27 -2.01 20.68 -4.61
N PRO D 28 -1.51 20.26 -3.43
CA PRO D 28 -1.57 18.86 -3.04
C PRO D 28 -3.04 18.51 -2.71
N VAL D 29 -3.52 17.45 -3.32
CA VAL D 29 -4.91 16.95 -3.15
C VAL D 29 -4.90 15.90 -2.05
N THR D 30 -5.73 16.10 -1.02
CA THR D 30 -5.85 15.20 0.15
C THR D 30 -7.05 14.28 -0.05
N GLY D 31 -7.01 13.09 0.53
CA GLY D 31 -8.08 12.08 0.46
C GLY D 31 -7.85 10.93 1.40
N SER D 32 -8.74 9.94 1.36
CA SER D 32 -8.66 8.73 2.20
C SER D 32 -7.39 7.91 1.88
N ALA D 33 -6.77 7.42 2.94
CA ALA D 33 -5.78 6.31 2.88
C ALA D 33 -6.36 5.18 2.03
N GLY D 34 -5.61 4.77 1.01
CA GLY D 34 -5.99 3.70 0.08
C GLY D 34 -6.33 4.30 -1.27
N ASN D 35 -6.43 5.61 -1.42
CA ASN D 35 -6.97 6.21 -2.67
C ASN D 35 -5.89 6.95 -3.43
N ALA D 36 -4.63 6.83 -2.98
CA ALA D 36 -3.45 7.34 -3.72
C ALA D 36 -3.16 6.39 -4.87
N PRO D 37 -2.79 6.86 -6.08
CA PRO D 37 -2.30 5.99 -7.14
C PRO D 37 -0.93 5.45 -6.70
N SER D 38 -0.56 4.27 -7.19
CA SER D 38 0.81 3.75 -7.16
C SER D 38 1.72 4.72 -7.91
N LYS D 39 2.84 5.10 -7.29
CA LYS D 39 3.80 6.08 -7.86
C LYS D 39 4.57 5.44 -9.00
N TRP D 40 4.79 4.12 -8.99
CA TRP D 40 5.32 3.35 -10.14
C TRP D 40 4.42 3.57 -11.38
N ASP D 41 3.09 3.44 -11.21
CA ASP D 41 2.08 3.68 -12.30
C ASP D 41 2.24 5.11 -12.82
N CYS D 42 2.44 6.09 -11.93
CA CYS D 42 2.61 7.53 -12.29
C CYS D 42 3.91 7.76 -13.05
N GLN D 43 4.98 7.08 -12.67
CA GLN D 43 6.30 7.09 -13.37
C GLN D 43 6.15 6.59 -14.81
N LEU D 44 5.53 5.41 -14.99
CA LEU D 44 5.25 4.80 -16.31
C LEU D 44 4.34 5.72 -17.13
N LEU D 45 3.33 6.35 -16.51
CA LEU D 45 2.44 7.31 -17.23
C LEU D 45 3.31 8.42 -17.85
N ARG D 46 4.25 9.00 -17.10
CA ARG D 46 5.09 10.12 -17.61
C ARG D 46 6.02 9.62 -18.71
N ASP D 47 6.82 8.59 -18.41
CA ASP D 47 8.00 8.18 -19.23
C ASP D 47 7.60 7.22 -20.32
N GLY D 48 6.73 6.26 -20.00
CA GLY D 48 6.28 5.21 -20.94
C GLY D 48 5.19 5.72 -21.85
N TYR D 49 4.23 6.50 -21.35
CA TYR D 49 3.04 6.87 -22.13
C TYR D 49 3.18 8.32 -22.62
N ILE D 50 3.21 9.33 -21.76
CA ILE D 50 3.08 10.76 -22.16
C ILE D 50 4.28 11.09 -23.04
N ALA D 51 5.47 10.64 -22.62
CA ALA D 51 6.75 10.92 -23.28
C ALA D 51 6.69 10.46 -24.74
N LYS D 52 5.87 9.47 -25.10
CA LYS D 52 5.80 8.95 -26.49
C LYS D 52 4.70 9.65 -27.28
N GLN D 53 3.94 10.56 -26.69
CA GLN D 53 2.82 11.20 -27.41
C GLN D 53 3.35 12.50 -28.03
N ASN D 54 3.68 12.48 -29.31
CA ASN D 54 4.16 13.71 -29.97
C ASN D 54 2.91 14.49 -30.40
N LYS D 55 2.27 15.14 -29.45
CA LYS D 55 1.02 15.88 -29.71
C LYS D 55 0.76 16.90 -28.61
N SER D 56 -0.30 17.66 -28.86
CA SER D 56 -0.98 18.55 -27.90
C SER D 56 -2.45 18.13 -27.83
N TRP D 57 -3.11 18.43 -26.73
CA TRP D 57 -4.53 18.03 -26.50
C TRP D 57 -5.36 19.31 -26.40
N LEU D 58 -6.48 19.36 -27.11
CA LEU D 58 -7.44 20.47 -26.98
C LEU D 58 -8.35 20.17 -25.78
N ILE D 59 -8.41 21.10 -24.82
CA ILE D 59 -9.17 20.94 -23.55
C ILE D 59 -10.32 21.94 -23.59
N SER D 60 -11.55 21.44 -23.60
CA SER D 60 -12.77 22.26 -23.63
C SER D 60 -13.72 21.83 -22.52
N GLY D 61 -13.23 21.02 -21.61
CA GLY D 61 -14.08 20.31 -20.64
C GLY D 61 -13.29 19.17 -20.02
N PRO D 62 -13.88 18.48 -19.04
CA PRO D 62 -13.19 17.34 -18.41
C PRO D 62 -12.74 16.34 -19.46
N ARG D 63 -11.44 16.04 -19.46
CA ARG D 63 -10.83 15.10 -20.45
C ARG D 63 -9.67 14.37 -19.77
N ILE D 64 -9.66 13.05 -19.83
CA ILE D 64 -8.51 12.22 -19.42
C ILE D 64 -7.48 12.18 -20.57
N ILE D 65 -6.24 12.55 -20.27
CA ILE D 65 -5.15 12.63 -21.28
C ILE D 65 -4.41 11.30 -21.33
N GLY D 66 -4.20 10.65 -20.18
CA GLY D 66 -3.61 9.31 -20.19
C GLY D 66 -3.75 8.62 -18.86
N THR D 67 -3.75 7.30 -18.89
CA THR D 67 -3.93 6.36 -17.76
C THR D 67 -2.90 5.23 -17.85
N VAL D 68 -2.22 4.97 -16.73
CA VAL D 68 -1.50 3.70 -16.50
C VAL D 68 -2.02 3.14 -15.18
N ARG D 69 -2.86 2.10 -15.30
CA ARG D 69 -3.51 1.33 -14.21
C ARG D 69 -4.10 2.33 -13.22
N THR D 70 -3.51 2.49 -12.02
CA THR D 70 -4.03 3.30 -10.89
C THR D 70 -3.77 4.79 -11.10
N CYS D 71 -2.86 5.19 -12.00
CA CYS D 71 -2.47 6.62 -12.17
C CYS D 71 -3.02 7.21 -13.47
N GLN D 72 -3.37 8.49 -13.40
CA GLN D 72 -4.14 9.21 -14.41
C GLN D 72 -3.81 10.70 -14.40
N PHE D 73 -3.58 11.22 -15.59
CA PHE D 73 -3.52 12.68 -15.83
C PHE D 73 -4.77 13.13 -16.59
N SER D 74 -5.40 14.16 -16.07
CA SER D 74 -6.65 14.72 -16.65
C SER D 74 -6.69 16.24 -16.52
N ALA D 75 -7.58 16.90 -17.26
CA ALA D 75 -7.67 18.38 -17.33
C ALA D 75 -9.08 18.85 -17.74
N THR D 76 -9.37 20.09 -17.37
CA THR D 76 -10.59 20.82 -17.75
C THR D 76 -10.22 22.29 -17.95
N VAL D 77 -11.19 23.07 -18.37
CA VAL D 77 -11.08 24.55 -18.48
C VAL D 77 -11.69 25.12 -17.21
N ASP D 78 -11.05 26.12 -16.61
CA ASP D 78 -11.78 26.96 -15.64
C ASP D 78 -12.99 27.68 -16.20
N VAL D 79 -12.94 28.39 -17.33
CA VAL D 79 -14.01 29.35 -17.73
C VAL D 79 -14.80 28.49 -18.68
N SER D 80 -16.06 28.20 -18.37
CA SER D 80 -16.93 27.41 -19.25
C SER D 80 -16.95 28.06 -20.64
N GLY D 81 -17.19 27.26 -21.67
CA GLY D 81 -17.24 27.74 -23.06
C GLY D 81 -15.87 27.91 -23.67
N THR D 82 -14.78 27.96 -22.92
CA THR D 82 -13.41 28.17 -23.47
C THR D 82 -12.78 26.82 -23.83
N ALA D 83 -11.65 26.89 -24.57
CA ALA D 83 -10.84 25.77 -25.10
C ALA D 83 -9.37 26.18 -25.22
N GLY D 84 -8.46 25.28 -24.88
CA GLY D 84 -7.02 25.58 -24.80
C GLY D 84 -6.19 24.34 -25.09
N TRP D 85 -4.95 24.57 -25.53
CA TRP D 85 -4.00 23.50 -25.96
C TRP D 85 -3.00 23.24 -24.84
N ILE D 86 -2.91 22.00 -24.38
CA ILE D 86 -1.85 21.55 -23.44
C ILE D 86 -0.98 20.54 -24.19
N GLY D 87 0.34 20.70 -24.15
CA GLY D 87 1.26 19.76 -24.84
C GLY D 87 1.76 18.68 -23.91
N ARG D 88 2.35 17.63 -24.50
CA ARG D 88 2.88 16.49 -23.72
C ARG D 88 4.02 16.98 -22.83
N ASP D 89 4.85 17.84 -23.39
CA ASP D 89 6.04 18.34 -22.66
C ASP D 89 5.59 19.14 -21.44
N ASP D 90 4.54 19.94 -21.57
CA ASP D 90 3.99 20.67 -20.39
C ASP D 90 3.61 19.60 -19.36
N ILE D 91 2.89 18.56 -19.81
CA ILE D 91 2.46 17.46 -18.92
C ILE D 91 3.68 16.75 -18.36
N MET D 92 4.72 16.53 -19.17
CA MET D 92 6.03 16.00 -18.71
C MET D 92 6.51 16.82 -17.50
N ASP D 93 6.55 18.15 -17.64
CA ASP D 93 7.04 19.04 -16.55
C ASP D 93 6.09 19.00 -15.34
N LEU D 94 4.78 19.12 -15.57
CA LEU D 94 3.77 19.15 -14.48
C LEU D 94 3.85 17.85 -13.67
N MET D 95 4.02 16.71 -14.35
CA MET D 95 4.13 15.39 -13.69
C MET D 95 5.43 15.28 -12.89
N LYS D 96 6.56 15.71 -13.46
CA LYS D 96 7.89 15.66 -12.80
C LYS D 96 7.84 16.49 -11.52
N ASP D 97 7.36 17.73 -11.62
CA ASP D 97 7.21 18.68 -10.50
C ASP D 97 6.26 18.11 -9.44
N SER D 98 5.15 17.50 -9.84
CA SER D 98 4.12 16.98 -8.90
C SER D 98 4.70 15.81 -8.08
N LEU D 99 5.40 14.90 -8.74
CA LEU D 99 5.98 13.68 -8.10
C LEU D 99 7.14 14.07 -7.20
N ASN D 100 7.87 15.15 -7.53
CA ASN D 100 8.92 15.75 -6.65
C ASN D 100 8.28 16.39 -5.42
N LEU D 101 7.19 17.12 -5.58
CA LEU D 101 6.35 17.66 -4.47
C LEU D 101 5.43 16.51 -4.08
N TRP D 102 5.66 15.70 -3.09
CA TRP D 102 4.77 14.53 -2.77
C TRP D 102 5.57 13.53 -1.94
N LYS D 103 5.18 13.17 -0.70
CA LYS D 103 5.94 12.11 0.06
C LYS D 103 5.01 11.18 0.83
N MET D 114 -4.09 11.01 3.56
CA MET D 114 -2.80 11.05 2.82
C MET D 114 -2.96 11.98 1.60
N GLN D 115 -1.86 12.33 0.93
CA GLN D 115 -1.92 12.99 -0.39
C GLN D 115 -2.32 11.92 -1.42
N VAL D 116 -3.36 12.18 -2.21
CA VAL D 116 -3.86 11.21 -3.22
C VAL D 116 -3.64 11.77 -4.62
N GLY D 117 -3.11 12.99 -4.71
CA GLY D 117 -2.96 13.67 -6.00
C GLY D 117 -2.31 15.04 -5.92
N GLU D 118 -2.11 15.63 -7.10
CA GLU D 118 -1.71 17.04 -7.29
C GLU D 118 -2.63 17.63 -8.37
N SER D 119 -3.10 18.83 -8.13
CA SER D 119 -3.79 19.68 -9.11
C SER D 119 -3.06 21.02 -9.27
N GLY D 120 -3.44 21.72 -10.32
CA GLY D 120 -2.84 23.00 -10.71
C GLY D 120 -3.67 23.73 -11.74
N ASP D 121 -3.43 25.02 -11.78
CA ASP D 121 -4.03 25.94 -12.78
C ASP D 121 -2.88 26.54 -13.59
N VAL D 122 -3.02 26.50 -14.91
CA VAL D 122 -1.98 26.92 -15.86
C VAL D 122 -2.64 27.63 -17.04
N ASN D 123 -1.93 28.61 -17.62
CA ASN D 123 -2.37 29.42 -18.78
C ASN D 123 -1.79 28.84 -20.05
N CYS D 124 -2.65 28.55 -21.03
CA CYS D 124 -2.27 27.86 -22.28
C CYS D 124 -2.84 28.59 -23.48
N VAL D 125 -2.23 28.40 -24.66
CA VAL D 125 -2.69 29.02 -25.94
C VAL D 125 -4.13 28.58 -26.19
N ALA D 126 -4.99 29.53 -26.59
CA ALA D 126 -6.38 29.28 -27.06
C ALA D 126 -6.33 28.45 -28.34
N VAL D 135 -5.70 30.85 -22.09
CA VAL D 135 -6.89 30.15 -21.52
C VAL D 135 -6.44 29.38 -20.27
N ARG D 136 -7.24 29.44 -19.19
CA ARG D 136 -6.91 28.78 -17.91
C ARG D 136 -7.34 27.31 -17.97
N ILE D 137 -6.36 26.42 -17.83
CA ILE D 137 -6.54 24.94 -17.78
C ILE D 137 -6.20 24.46 -16.36
N ALA D 138 -7.17 23.78 -15.77
CA ALA D 138 -7.08 23.09 -14.45
C ALA D 138 -6.72 21.63 -14.73
N TRP D 139 -5.52 21.22 -14.35
CA TRP D 139 -5.04 19.83 -14.51
C TRP D 139 -5.07 19.09 -13.15
N THR D 140 -5.10 17.76 -13.23
CA THR D 140 -5.10 16.80 -12.11
C THR D 140 -4.20 15.61 -12.46
N LEU D 141 -3.28 15.31 -11.56
CA LEU D 141 -2.58 14.01 -11.46
C LEU D 141 -3.17 13.24 -10.28
N GLY D 142 -3.75 12.07 -10.51
CA GLY D 142 -4.39 11.32 -9.42
C GLY D 142 -4.78 9.90 -9.77
N HIS D 143 -5.56 9.25 -8.91
CA HIS D 143 -6.15 7.91 -9.14
C HIS D 143 -7.04 7.90 -10.39
N SER D 144 -6.90 6.84 -11.18
CA SER D 144 -7.76 6.42 -12.32
C SER D 144 -9.23 6.10 -11.97
N LEU E 17 29.85 -11.67 -19.31
CA LEU E 17 30.13 -12.75 -20.31
C LEU E 17 29.69 -14.10 -19.73
N ARG E 18 28.51 -14.57 -20.13
CA ARG E 18 27.97 -15.85 -19.59
C ARG E 18 27.50 -16.75 -20.76
N ASN E 19 28.44 -17.31 -21.51
CA ASN E 19 28.08 -18.23 -22.62
C ASN E 19 28.92 -19.51 -22.49
N ASN E 20 28.62 -20.34 -21.49
CA ASN E 20 29.40 -21.60 -21.27
C ASN E 20 28.78 -22.72 -22.12
N CYS E 21 27.67 -22.46 -22.82
CA CYS E 21 26.97 -23.55 -23.55
C CYS E 21 26.97 -23.32 -25.07
N ASP E 22 27.20 -24.38 -25.84
CA ASP E 22 27.17 -24.30 -27.31
C ASP E 22 26.53 -25.58 -27.84
N GLY E 23 26.01 -25.50 -29.06
CA GLY E 23 25.36 -26.59 -29.80
C GLY E 23 24.09 -27.13 -29.13
N SER E 24 23.06 -26.28 -29.01
CA SER E 24 21.71 -26.69 -28.54
C SER E 24 20.86 -27.23 -29.69
N THR E 25 20.07 -28.25 -29.39
CA THR E 25 18.91 -28.67 -30.19
C THR E 25 17.73 -27.77 -29.86
N PHE E 26 16.76 -27.74 -30.76
CA PHE E 26 15.52 -26.94 -30.63
C PHE E 26 14.34 -27.82 -31.00
N VAL E 27 13.50 -28.10 -30.00
CA VAL E 27 12.30 -28.96 -30.16
C VAL E 27 11.08 -28.12 -29.83
N PRO E 28 10.15 -27.89 -30.78
CA PRO E 28 8.91 -27.20 -30.48
C PRO E 28 8.03 -28.12 -29.62
N VAL E 29 7.58 -27.59 -28.50
CA VAL E 29 6.74 -28.31 -27.50
C VAL E 29 5.27 -28.04 -27.83
N THR E 30 4.49 -29.10 -28.04
CA THR E 30 3.05 -29.01 -28.40
C THR E 30 2.21 -29.20 -27.12
N GLY E 31 1.03 -28.62 -27.09
CA GLY E 31 0.09 -28.71 -25.96
C GLY E 31 -1.28 -28.14 -26.34
N SER E 32 -2.20 -28.10 -25.39
CA SER E 32 -3.58 -27.60 -25.59
C SER E 32 -3.55 -26.09 -25.88
N ALA E 33 -4.36 -25.66 -26.82
CA ALA E 33 -4.79 -24.25 -27.03
C ALA E 33 -5.16 -23.65 -25.67
N GLY E 34 -4.55 -22.54 -25.31
CA GLY E 34 -4.79 -21.86 -24.03
C GLY E 34 -3.61 -22.05 -23.09
N ASN E 35 -2.64 -22.90 -23.43
CA ASN E 35 -1.57 -23.25 -22.47
C ASN E 35 -0.23 -22.68 -22.91
N ALA E 36 -0.23 -21.84 -23.94
CA ALA E 36 0.95 -21.10 -24.42
C ALA E 36 1.16 -19.93 -23.51
N PRO E 37 2.42 -19.58 -23.12
CA PRO E 37 2.68 -18.32 -22.44
C PRO E 37 2.43 -17.18 -23.43
N SER E 38 2.08 -16.02 -22.89
CA SER E 38 2.09 -14.75 -23.64
C SER E 38 3.53 -14.47 -24.09
N LYS E 39 3.69 -14.14 -25.37
CA LYS E 39 4.98 -13.87 -26.02
C LYS E 39 5.56 -12.55 -25.49
N TRP E 40 4.71 -11.57 -25.15
CA TRP E 40 5.12 -10.33 -24.45
C TRP E 40 5.84 -10.68 -23.14
N ASP E 41 5.26 -11.58 -22.32
CA ASP E 41 5.84 -12.06 -21.04
C ASP E 41 7.22 -12.70 -21.34
N CYS E 42 7.35 -13.47 -22.42
CA CYS E 42 8.62 -14.14 -22.82
C CYS E 42 9.66 -13.12 -23.27
N GLN E 43 9.25 -12.06 -23.99
CA GLN E 43 10.11 -10.92 -24.40
C GLN E 43 10.69 -10.21 -23.17
N LEU E 44 9.84 -9.83 -22.21
CA LEU E 44 10.21 -9.19 -20.94
C LEU E 44 11.13 -10.12 -20.13
N LEU E 45 10.87 -11.43 -20.11
CA LEU E 45 11.75 -12.40 -19.41
C LEU E 45 13.17 -12.28 -19.98
N ARG E 46 13.35 -12.25 -21.31
CA ARG E 46 14.67 -12.19 -21.95
C ARG E 46 15.33 -10.85 -21.64
N ASP E 47 14.66 -9.75 -21.98
CA ASP E 47 15.25 -8.38 -22.04
C ASP E 47 15.22 -7.69 -20.68
N GLY E 48 14.12 -7.83 -19.95
CA GLY E 48 13.87 -7.15 -18.67
C GLY E 48 14.50 -7.92 -17.54
N TYR E 49 14.45 -9.24 -17.54
CA TYR E 49 14.93 -10.04 -16.39
C TYR E 49 16.29 -10.66 -16.71
N ILE E 50 16.39 -11.58 -17.68
CA ILE E 50 17.61 -12.43 -17.86
C ILE E 50 18.77 -11.50 -18.20
N ALA E 51 18.52 -10.56 -19.09
CA ALA E 51 19.52 -9.62 -19.64
C ALA E 51 20.19 -8.87 -18.49
N LYS E 52 19.51 -8.68 -17.35
CA LYS E 52 20.05 -7.89 -16.21
C LYS E 52 20.78 -8.80 -15.22
N GLN E 53 20.77 -10.10 -15.41
CA GLN E 53 21.39 -11.04 -14.42
C GLN E 53 22.83 -11.28 -14.83
N ASN E 54 23.78 -10.59 -14.19
CA ASN E 54 25.21 -10.79 -14.49
C ASN E 54 25.68 -12.05 -13.74
N LYS E 55 25.27 -13.23 -14.20
CA LYS E 55 25.58 -14.50 -13.51
C LYS E 55 25.40 -15.67 -14.44
N SER E 56 25.81 -16.81 -13.90
CA SER E 56 25.59 -18.18 -14.40
C SER E 56 24.86 -18.96 -13.30
N TRP E 57 24.10 -19.98 -13.69
CA TRP E 57 23.32 -20.81 -12.75
C TRP E 57 23.88 -22.21 -12.79
N LEU E 58 24.11 -22.81 -11.63
CA LEU E 58 24.53 -24.22 -11.54
C LEU E 58 23.28 -25.08 -11.59
N ILE E 59 23.20 -26.01 -12.54
CA ILE E 59 22.03 -26.88 -12.80
C ILE E 59 22.42 -28.31 -12.44
N SER E 60 21.76 -28.87 -11.45
CA SER E 60 22.02 -30.26 -10.98
C SER E 60 20.70 -31.02 -10.90
N GLY E 61 19.66 -30.47 -11.48
CA GLY E 61 18.28 -30.97 -11.30
C GLY E 61 17.30 -29.91 -11.79
N PRO E 62 15.99 -30.21 -11.79
CA PRO E 62 14.98 -29.25 -12.23
C PRO E 62 15.12 -27.93 -11.47
N ARG E 63 15.28 -26.83 -12.19
CA ARG E 63 15.45 -25.48 -11.60
C ARG E 63 14.81 -24.46 -12.53
N ILE E 64 13.96 -23.61 -12.00
CA ILE E 64 13.42 -22.41 -12.70
C ILE E 64 14.44 -21.27 -12.57
N ILE E 65 14.85 -20.71 -13.71
CA ILE E 65 15.89 -19.65 -13.78
C ILE E 65 15.21 -18.29 -13.71
N GLY E 66 14.07 -18.12 -14.36
CA GLY E 66 13.34 -16.84 -14.27
C GLY E 66 11.94 -16.99 -14.81
N THR E 67 11.04 -16.15 -14.27
CA THR E 67 9.59 -16.10 -14.55
C THR E 67 9.16 -14.64 -14.74
N VAL E 68 8.44 -14.37 -15.81
CA VAL E 68 7.62 -13.15 -15.96
C VAL E 68 6.19 -13.60 -16.28
N ARG E 69 5.31 -13.50 -15.26
CA ARG E 69 3.88 -13.85 -15.28
C ARG E 69 3.72 -15.23 -15.90
N THR E 70 3.20 -15.31 -17.15
CA THR E 70 2.85 -16.57 -17.85
C THR E 70 4.09 -17.26 -18.44
N CYS E 71 5.23 -16.57 -18.59
CA CYS E 71 6.43 -17.13 -19.26
C CYS E 71 7.55 -17.44 -18.28
N GLN E 72 8.27 -18.52 -18.57
CA GLN E 72 9.23 -19.16 -17.67
C GLN E 72 10.33 -19.85 -18.46
N PHE E 73 11.56 -19.62 -18.02
CA PHE E 73 12.74 -20.39 -18.44
C PHE E 73 13.16 -21.30 -17.29
N SER E 74 13.34 -22.57 -17.61
CA SER E 74 13.79 -23.60 -16.65
C SER E 74 14.77 -24.59 -17.31
N ALA E 75 15.46 -25.40 -16.49
CA ALA E 75 16.48 -26.38 -16.93
C ALA E 75 16.66 -27.51 -15.93
N THR E 76 17.19 -28.63 -16.43
CA THR E 76 17.61 -29.80 -15.65
C THR E 76 18.86 -30.39 -16.30
N VAL E 77 19.41 -31.40 -15.67
CA VAL E 77 20.53 -32.21 -16.23
C VAL E 77 19.89 -33.44 -16.89
N ASP E 78 20.32 -33.79 -18.09
CA ASP E 78 20.23 -35.21 -18.50
C ASP E 78 21.41 -35.85 -17.77
N VAL E 79 21.23 -37.05 -17.29
CA VAL E 79 22.25 -37.77 -16.45
C VAL E 79 22.18 -37.20 -15.04
N SER E 80 21.40 -37.86 -14.18
CA SER E 80 21.26 -37.43 -12.78
C SER E 80 22.64 -37.56 -12.13
N GLY E 81 22.89 -36.78 -11.08
CA GLY E 81 24.21 -36.78 -10.42
C GLY E 81 25.22 -35.91 -11.13
N THR E 82 24.98 -35.45 -12.37
CA THR E 82 25.82 -34.41 -13.02
C THR E 82 25.32 -33.01 -12.64
N ALA E 83 26.14 -32.00 -12.95
CA ALA E 83 25.91 -30.55 -12.71
C ALA E 83 26.67 -29.70 -13.74
N GLY E 84 26.05 -28.64 -14.22
CA GLY E 84 26.51 -27.84 -15.36
C GLY E 84 26.13 -26.38 -15.14
N TRP E 85 26.93 -25.47 -15.71
CA TRP E 85 26.75 -24.01 -15.63
C TRP E 85 26.06 -23.53 -16.91
N ILE E 86 24.95 -22.83 -16.74
CA ILE E 86 24.29 -22.13 -17.88
C ILE E 86 24.36 -20.64 -17.55
N GLY E 87 24.82 -19.83 -18.49
CA GLY E 87 25.06 -18.40 -18.28
C GLY E 87 23.98 -17.54 -18.89
N ARG E 88 23.86 -16.31 -18.39
CA ARG E 88 22.99 -15.26 -18.94
C ARG E 88 23.03 -15.26 -20.48
N ASP E 89 24.19 -15.30 -21.11
CA ASP E 89 24.31 -15.12 -22.57
C ASP E 89 23.85 -16.39 -23.30
N ASP E 90 24.01 -17.54 -22.68
CA ASP E 90 23.41 -18.80 -23.21
C ASP E 90 21.89 -18.63 -23.32
N ILE E 91 21.28 -18.19 -22.23
CA ILE E 91 19.81 -18.09 -22.11
C ILE E 91 19.30 -17.00 -23.04
N MET E 92 19.98 -15.87 -23.10
CA MET E 92 19.69 -14.78 -24.09
C MET E 92 19.58 -15.38 -25.49
N ASP E 93 20.60 -16.15 -25.91
CA ASP E 93 20.63 -16.76 -27.26
C ASP E 93 19.51 -17.82 -27.43
N LEU E 94 19.35 -18.72 -26.45
CA LEU E 94 18.35 -19.81 -26.51
C LEU E 94 16.94 -19.22 -26.62
N MET E 95 16.67 -18.14 -25.88
CA MET E 95 15.37 -17.44 -25.91
C MET E 95 15.15 -16.74 -27.25
N LYS E 96 16.16 -16.04 -27.78
CA LYS E 96 16.12 -15.31 -29.10
C LYS E 96 15.77 -16.32 -30.19
N ASP E 97 16.54 -17.41 -30.24
CA ASP E 97 16.37 -18.50 -31.24
C ASP E 97 15.00 -19.16 -31.08
N SER E 98 14.53 -19.41 -29.85
CA SER E 98 13.22 -20.08 -29.58
C SER E 98 12.06 -19.22 -30.09
N LEU E 99 12.10 -17.91 -29.80
CA LEU E 99 11.03 -16.96 -30.17
C LEU E 99 11.04 -16.75 -31.69
N ASN E 100 12.21 -16.82 -32.34
CA ASN E 100 12.35 -16.77 -33.81
C ASN E 100 11.76 -18.04 -34.44
N LEU E 101 12.01 -19.23 -33.87
CA LEU E 101 11.51 -20.52 -34.42
C LEU E 101 10.00 -20.66 -34.21
N TRP E 102 9.42 -19.99 -33.24
CA TRP E 102 8.00 -20.09 -32.86
C TRP E 102 7.13 -19.11 -33.66
N ALA E 113 -4.80 -27.91 -30.27
CA ALA E 113 -3.32 -27.93 -30.12
C ALA E 113 -2.69 -26.66 -30.72
N MET E 114 -1.56 -26.27 -30.17
CA MET E 114 -0.68 -25.16 -30.60
C MET E 114 0.73 -25.43 -30.05
N GLN E 115 1.72 -24.66 -30.47
CA GLN E 115 3.03 -24.64 -29.80
C GLN E 115 2.87 -23.91 -28.45
N VAL E 116 3.28 -24.55 -27.36
CA VAL E 116 3.15 -23.96 -25.99
C VAL E 116 4.54 -23.66 -25.44
N GLY E 117 5.59 -24.01 -26.19
CA GLY E 117 6.97 -23.86 -25.69
C GLY E 117 8.02 -24.36 -26.63
N GLU E 118 9.28 -24.18 -26.22
CA GLU E 118 10.48 -24.71 -26.90
C GLU E 118 11.35 -25.35 -25.83
N SER E 119 11.90 -26.51 -26.14
CA SER E 119 12.92 -27.21 -25.35
C SER E 119 14.14 -27.52 -26.22
N GLY E 120 15.21 -27.88 -25.53
CA GLY E 120 16.51 -28.14 -26.15
C GLY E 120 17.46 -28.83 -25.21
N ASP E 121 18.45 -29.46 -25.83
CA ASP E 121 19.56 -30.14 -25.17
C ASP E 121 20.85 -29.46 -25.61
N VAL E 122 21.67 -29.10 -24.64
CA VAL E 122 22.89 -28.27 -24.88
C VAL E 122 23.99 -28.77 -23.94
N ASN E 123 25.24 -28.64 -24.40
CA ASN E 123 26.47 -29.03 -23.68
C ASN E 123 27.05 -27.79 -23.03
N CYS E 124 27.28 -27.86 -21.72
CA CYS E 124 27.71 -26.73 -20.88
C CYS E 124 28.89 -27.16 -20.02
N VAL E 125 29.67 -26.17 -19.57
CA VAL E 125 30.82 -26.35 -18.66
C VAL E 125 30.34 -27.06 -17.41
N ALA E 126 31.07 -28.10 -16.98
CA ALA E 126 30.88 -28.83 -15.70
C ALA E 126 31.12 -27.87 -14.53
N LYS E 134 32.28 -31.33 -20.51
CA LYS E 134 30.92 -30.87 -20.96
C LYS E 134 29.84 -31.71 -20.27
N VAL E 135 28.75 -31.05 -19.92
CA VAL E 135 27.57 -31.65 -19.23
C VAL E 135 26.31 -31.30 -20.03
N ARG E 136 25.41 -32.30 -20.20
CA ARG E 136 24.16 -32.13 -20.96
C ARG E 136 23.10 -31.47 -20.07
N ILE E 137 22.65 -30.29 -20.51
CA ILE E 137 21.57 -29.50 -19.87
C ILE E 137 20.39 -29.49 -20.83
N ALA E 138 19.24 -29.93 -20.32
CA ALA E 138 17.91 -29.88 -20.97
C ALA E 138 17.21 -28.63 -20.47
N TRP E 139 17.00 -27.65 -21.35
CA TRP E 139 16.29 -26.38 -21.03
C TRP E 139 14.87 -26.41 -21.61
N THR E 140 14.00 -25.56 -21.04
CA THR E 140 12.59 -25.32 -21.43
C THR E 140 12.26 -23.83 -21.32
N LEU E 141 11.72 -23.29 -22.40
CA LEU E 141 10.97 -22.03 -22.43
C LEU E 141 9.48 -22.35 -22.55
N GLY E 142 8.65 -21.94 -21.61
CA GLY E 142 7.25 -22.42 -21.52
C GLY E 142 6.39 -21.65 -20.53
N HIS E 143 5.13 -22.08 -20.36
CA HIS E 143 4.17 -21.54 -19.34
C HIS E 143 4.74 -21.76 -17.94
N SER E 144 4.65 -20.73 -17.10
CA SER E 144 4.90 -20.69 -15.64
C SER E 144 4.03 -21.65 -14.79
N SER F 24 -6.74 4.88 39.79
CA SER F 24 -7.56 4.76 38.55
C SER F 24 -9.05 4.80 38.89
N THR F 25 -9.82 5.45 38.03
CA THR F 25 -11.30 5.32 37.94
C THR F 25 -11.62 4.06 37.15
N PHE F 26 -12.83 3.55 37.32
CA PHE F 26 -13.33 2.33 36.65
C PHE F 26 -14.73 2.62 36.14
N VAL F 27 -14.89 2.65 34.82
CA VAL F 27 -16.19 2.95 34.15
C VAL F 27 -16.57 1.73 33.32
N PRO F 28 -17.71 1.06 33.61
CA PRO F 28 -18.16 -0.04 32.76
C PRO F 28 -18.64 0.56 31.43
N VAL F 29 -18.10 0.04 30.34
CA VAL F 29 -18.42 0.46 28.95
C VAL F 29 -19.54 -0.43 28.44
N THR F 30 -20.61 0.20 27.97
CA THR F 30 -21.85 -0.47 27.51
C THR F 30 -21.81 -0.51 25.97
N GLY F 31 -22.45 -1.50 25.39
CA GLY F 31 -22.56 -1.67 23.93
C GLY F 31 -23.55 -2.73 23.55
N SER F 32 -23.62 -3.02 22.25
CA SER F 32 -24.54 -4.05 21.69
C SER F 32 -24.13 -5.44 22.17
N ALA F 33 -25.12 -6.25 22.54
CA ALA F 33 -25.02 -7.73 22.62
C ALA F 33 -24.30 -8.24 21.35
N GLY F 34 -23.24 -8.99 21.54
CA GLY F 34 -22.41 -9.55 20.46
C GLY F 34 -21.08 -8.85 20.43
N ASN F 35 -20.88 -7.76 21.13
CA ASN F 35 -19.67 -6.91 20.94
C ASN F 35 -18.79 -6.95 22.17
N ALA F 36 -19.08 -7.83 23.13
CA ALA F 36 -18.21 -8.12 24.28
C ALA F 36 -17.05 -9.00 23.82
N PRO F 37 -15.80 -8.79 24.27
CA PRO F 37 -14.73 -9.75 24.02
C PRO F 37 -15.04 -11.02 24.81
N SER F 38 -14.56 -12.15 24.33
CA SER F 38 -14.50 -13.41 25.11
C SER F 38 -13.61 -13.17 26.34
N LYS F 39 -14.10 -13.57 27.51
CA LYS F 39 -13.42 -13.38 28.79
C LYS F 39 -12.23 -14.33 28.88
N TRP F 40 -12.28 -15.50 28.25
CA TRP F 40 -11.09 -16.40 28.07
C TRP F 40 -9.95 -15.65 27.38
N ASP F 41 -10.23 -14.94 26.29
CA ASP F 41 -9.26 -14.11 25.53
C ASP F 41 -8.68 -13.05 26.47
N CYS F 42 -9.50 -12.42 27.32
CA CYS F 42 -9.07 -11.36 28.28
C CYS F 42 -8.18 -11.96 29.37
N GLN F 43 -8.49 -13.17 29.83
CA GLN F 43 -7.66 -13.94 30.81
C GLN F 43 -6.26 -14.19 30.25
N LEU F 44 -6.18 -14.76 29.05
CA LEU F 44 -4.92 -15.02 28.32
C LEU F 44 -4.16 -13.72 28.09
N LEU F 45 -4.85 -12.63 27.73
CA LEU F 45 -4.18 -11.31 27.54
C LEU F 45 -3.45 -10.93 28.83
N ARG F 46 -4.08 -11.04 30.00
CA ARG F 46 -3.46 -10.64 31.29
C ARG F 46 -2.30 -11.57 31.62
N ASP F 47 -2.57 -12.88 31.67
CA ASP F 47 -1.67 -13.89 32.29
C ASP F 47 -0.65 -14.43 31.29
N GLY F 48 -1.09 -14.68 30.06
CA GLY F 48 -0.23 -15.23 28.98
C GLY F 48 0.61 -14.14 28.34
N TYR F 49 0.04 -12.96 28.09
CA TYR F 49 0.73 -11.93 27.28
C TYR F 49 1.30 -10.84 28.19
N ILE F 50 0.47 -10.06 28.90
CA ILE F 50 0.94 -8.83 29.62
C ILE F 50 1.92 -9.27 30.69
N ALA F 51 1.60 -10.35 31.39
CA ALA F 51 2.39 -10.89 32.52
C ALA F 51 3.83 -11.16 32.05
N LYS F 52 4.07 -11.43 30.77
CA LYS F 52 5.43 -11.78 30.26
C LYS F 52 6.13 -10.55 29.72
N GLN F 53 5.50 -9.38 29.72
CA GLN F 53 6.14 -8.17 29.16
C GLN F 53 6.87 -7.45 30.29
N ASN F 54 8.19 -7.64 30.43
CA ASN F 54 8.93 -6.91 31.49
C ASN F 54 9.26 -5.52 30.95
N LYS F 55 8.24 -4.64 30.87
CA LYS F 55 8.43 -3.29 30.29
C LYS F 55 7.34 -2.35 30.76
N SER F 56 7.52 -1.10 30.37
CA SER F 56 6.58 0.01 30.46
C SER F 56 6.37 0.57 29.05
N TRP F 57 5.21 1.17 28.80
CA TRP F 57 4.87 1.71 27.47
C TRP F 57 4.72 3.22 27.61
N LEU F 58 5.35 3.96 26.71
CA LEU F 58 5.15 5.43 26.65
C LEU F 58 3.88 5.71 25.85
N ILE F 59 2.94 6.44 26.44
CA ILE F 59 1.60 6.76 25.87
C ILE F 59 1.57 8.25 25.57
N SER F 60 1.46 8.60 24.30
CA SER F 60 1.39 10.01 23.84
C SER F 60 0.19 10.15 22.89
N GLY F 61 -0.70 9.17 22.88
CA GLY F 61 -1.73 9.06 21.87
C GLY F 61 -2.35 7.66 21.89
N PRO F 62 -3.41 7.43 21.10
CA PRO F 62 -4.02 6.11 21.03
C PRO F 62 -2.96 5.04 20.70
N ARG F 63 -2.84 4.03 21.55
CA ARG F 63 -1.86 2.94 21.40
C ARG F 63 -2.46 1.66 21.93
N ILE F 64 -2.45 0.60 21.14
CA ILE F 64 -2.81 -0.77 21.60
C ILE F 64 -1.59 -1.40 22.24
N ILE F 65 -1.74 -1.87 23.48
CA ILE F 65 -0.61 -2.42 24.27
C ILE F 65 -0.57 -3.94 24.05
N GLY F 66 -1.71 -4.60 23.96
CA GLY F 66 -1.73 -6.04 23.64
C GLY F 66 -3.10 -6.52 23.24
N THR F 67 -3.13 -7.57 22.43
CA THR F 67 -4.31 -8.22 21.83
C THR F 67 -4.17 -9.74 21.93
N VAL F 68 -5.23 -10.39 22.42
CA VAL F 68 -5.44 -11.83 22.25
C VAL F 68 -6.83 -12.01 21.64
N ARG F 69 -6.87 -12.32 20.34
CA ARG F 69 -8.06 -12.56 19.50
C ARG F 69 -9.04 -11.42 19.73
N THR F 70 -10.16 -11.68 20.41
CA THR F 70 -11.29 -10.73 20.62
C THR F 70 -10.99 -9.72 21.71
N CYS F 71 -9.99 -9.91 22.58
CA CYS F 71 -9.69 -9.02 23.73
C CYS F 71 -8.43 -8.19 23.53
N GLN F 72 -8.47 -6.96 24.04
CA GLN F 72 -7.51 -5.90 23.77
C GLN F 72 -7.42 -4.93 24.94
N PHE F 73 -6.18 -4.63 25.31
CA PHE F 73 -5.86 -3.50 26.21
C PHE F 73 -5.22 -2.39 25.40
N SER F 74 -5.73 -1.19 25.58
CA SER F 74 -5.25 0.02 24.88
C SER F 74 -5.31 1.26 25.78
N ALA F 75 -4.66 2.35 25.38
CA ALA F 75 -4.56 3.60 26.17
C ALA F 75 -4.26 4.82 25.29
N THR F 76 -4.61 5.98 25.83
CA THR F 76 -4.30 7.30 25.23
C THR F 76 -4.03 8.28 26.38
N VAL F 77 -3.74 9.53 26.02
CA VAL F 77 -3.53 10.61 27.02
C VAL F 77 -4.77 11.52 27.00
N ASP F 78 -5.30 11.86 28.17
CA ASP F 78 -6.49 12.76 28.26
C ASP F 78 -6.13 14.13 27.68
N VAL F 79 -4.92 14.60 27.97
CA VAL F 79 -4.50 15.94 27.46
C VAL F 79 -3.54 15.69 26.29
N SER F 80 -3.83 16.28 25.14
CA SER F 80 -3.00 16.05 23.93
C SER F 80 -1.60 16.60 24.19
N GLY F 81 -0.61 16.23 23.37
CA GLY F 81 0.71 16.84 23.57
C GLY F 81 1.36 16.38 24.85
N THR F 82 0.66 15.72 25.78
CA THR F 82 1.30 15.07 26.96
C THR F 82 1.70 13.63 26.61
N ALA F 83 2.51 13.04 27.47
CA ALA F 83 3.09 11.66 27.34
C ALA F 83 3.38 11.09 28.73
N GLY F 84 3.08 9.82 28.95
CA GLY F 84 3.14 9.18 30.27
C GLY F 84 3.46 7.70 30.13
N TRP F 85 4.03 7.13 31.18
CA TRP F 85 4.50 5.73 31.24
C TRP F 85 3.46 4.87 31.96
N ILE F 86 2.98 3.82 31.32
CA ILE F 86 2.14 2.79 32.00
C ILE F 86 2.93 1.49 32.00
N GLY F 87 3.06 0.82 33.15
CA GLY F 87 3.90 -0.37 33.32
C GLY F 87 3.08 -1.65 33.32
N ARG F 88 3.73 -2.76 33.01
CA ARG F 88 3.17 -4.12 33.09
C ARG F 88 2.29 -4.29 34.33
N ASP F 89 2.75 -3.88 35.50
CA ASP F 89 2.07 -4.17 36.79
C ASP F 89 0.83 -3.29 36.93
N ASP F 90 0.85 -2.10 36.35
CA ASP F 90 -0.36 -1.23 36.27
C ASP F 90 -1.44 -2.01 35.51
N ILE F 91 -1.10 -2.53 34.34
CA ILE F 91 -2.07 -3.17 33.42
C ILE F 91 -2.55 -4.47 34.05
N MET F 92 -1.65 -5.27 34.63
CA MET F 92 -2.01 -6.48 35.42
C MET F 92 -3.11 -6.13 36.42
N ASP F 93 -2.91 -5.10 37.23
CA ASP F 93 -3.89 -4.72 38.28
C ASP F 93 -5.19 -4.18 37.66
N LEU F 94 -5.10 -3.30 36.64
CA LEU F 94 -6.30 -2.71 35.99
C LEU F 94 -7.15 -3.82 35.38
N MET F 95 -6.49 -4.86 34.86
CA MET F 95 -7.22 -5.98 34.21
C MET F 95 -7.77 -6.95 35.26
N LYS F 96 -7.04 -7.19 36.35
CA LYS F 96 -7.56 -8.08 37.42
C LYS F 96 -8.82 -7.46 38.00
N ASP F 97 -8.80 -6.15 38.23
CA ASP F 97 -10.05 -5.47 38.64
C ASP F 97 -10.82 -5.34 37.33
N SER F 98 -12.06 -4.86 37.35
CA SER F 98 -12.74 -4.67 36.05
C SER F 98 -13.14 -6.06 35.56
N LEU F 99 -12.19 -6.98 35.46
CA LEU F 99 -12.61 -8.36 35.13
C LEU F 99 -13.47 -8.84 36.30
N ASN F 100 -13.07 -8.54 37.53
CA ASN F 100 -13.90 -8.86 38.70
C ASN F 100 -15.15 -7.99 38.68
N LEU F 101 -15.01 -6.72 38.29
CA LEU F 101 -16.18 -5.79 38.34
C LEU F 101 -17.18 -6.19 37.26
N TRP F 102 -16.67 -6.72 36.15
CA TRP F 102 -17.55 -7.17 35.05
C TRP F 102 -18.55 -8.20 35.59
N ALA F 113 -28.27 -4.97 24.92
CA ALA F 113 -27.14 -4.24 25.53
C ALA F 113 -26.51 -5.10 26.62
N MET F 114 -25.22 -4.96 26.81
CA MET F 114 -24.38 -5.68 27.81
C MET F 114 -23.15 -4.80 28.09
N GLN F 115 -22.37 -5.14 29.11
CA GLN F 115 -21.03 -4.59 29.29
C GLN F 115 -20.11 -5.20 28.23
N VAL F 116 -19.42 -4.35 27.46
CA VAL F 116 -18.51 -4.80 26.37
C VAL F 116 -17.08 -4.42 26.74
N GLY F 117 -16.88 -3.80 27.89
CA GLY F 117 -15.55 -3.32 28.30
C GLY F 117 -15.52 -2.57 29.62
N GLU F 118 -14.29 -2.18 29.98
CA GLU F 118 -13.99 -1.32 31.16
C GLU F 118 -12.99 -0.28 30.68
N SER F 119 -13.23 0.97 31.05
CA SER F 119 -12.28 2.08 30.87
C SER F 119 -12.02 2.74 32.22
N GLY F 120 -10.98 3.57 32.23
CA GLY F 120 -10.50 4.26 33.42
C GLY F 120 -9.53 5.36 33.09
N ASP F 121 -9.40 6.26 34.05
CA ASP F 121 -8.44 7.38 34.04
C ASP F 121 -7.51 7.21 35.23
N VAL F 122 -6.22 7.29 34.97
CA VAL F 122 -5.15 7.02 35.97
C VAL F 122 -4.01 8.02 35.73
N ASN F 123 -3.31 8.37 36.81
CA ASN F 123 -2.17 9.31 36.83
C ASN F 123 -0.89 8.49 36.81
N CYS F 124 -0.02 8.79 35.84
CA CYS F 124 1.23 8.04 35.60
C CYS F 124 2.40 9.02 35.49
N VAL F 125 3.62 8.54 35.75
CA VAL F 125 4.87 9.34 35.61
C VAL F 125 4.95 9.86 34.16
N ALA F 126 5.30 11.13 33.99
CA ALA F 126 5.52 11.83 32.71
C ALA F 126 6.61 11.16 31.85
N GLY F 127 6.54 11.40 30.54
CA GLY F 127 7.48 10.96 29.48
C GLY F 127 8.89 10.70 29.97
N VAL F 135 0.82 12.50 34.71
CA VAL F 135 0.10 12.63 33.40
C VAL F 135 -1.12 11.70 33.43
N ARG F 136 -2.26 12.21 32.93
CA ARG F 136 -3.56 11.48 32.90
C ARG F 136 -3.58 10.57 31.68
N ILE F 137 -3.66 9.26 31.94
CA ILE F 137 -3.77 8.20 30.93
C ILE F 137 -5.15 7.58 31.06
N ALA F 138 -5.87 7.58 29.93
CA ALA F 138 -7.17 6.93 29.73
C ALA F 138 -6.90 5.56 29.12
N TRP F 139 -7.18 4.48 29.88
CA TRP F 139 -7.03 3.09 29.42
C TRP F 139 -8.40 2.50 29.08
N THR F 140 -8.39 1.45 28.26
CA THR F 140 -9.54 0.64 27.81
C THR F 140 -9.18 -0.85 27.77
N LEU F 141 -10.00 -1.65 28.41
CA LEU F 141 -10.06 -3.11 28.21
C LEU F 141 -11.33 -3.40 27.40
N GLY F 142 -11.22 -4.01 26.23
CA GLY F 142 -12.38 -4.15 25.32
C GLY F 142 -12.14 -5.10 24.15
N HIS F 143 -13.08 -5.17 23.20
CA HIS F 143 -13.06 -5.96 21.95
C HIS F 143 -11.86 -5.51 21.11
N ARG G 18 24.10 11.38 -4.60
CA ARG G 18 22.88 10.76 -4.05
C ARG G 18 23.26 9.55 -3.20
N ASN G 19 24.48 9.52 -2.69
CA ASN G 19 24.90 8.43 -1.78
C ASN G 19 25.14 9.06 -0.41
N ASN G 20 24.54 8.52 0.64
CA ASN G 20 24.69 9.11 1.98
C ASN G 20 25.00 8.01 3.00
N CYS G 21 25.17 6.78 2.56
CA CYS G 21 25.34 5.65 3.52
C CYS G 21 26.61 4.81 3.28
N ASP G 22 27.34 4.48 4.34
CA ASP G 22 28.59 3.66 4.28
C ASP G 22 28.32 2.15 4.21
N GLY G 23 29.34 1.32 3.92
CA GLY G 23 29.25 -0.16 3.89
C GLY G 23 27.90 -0.85 4.00
N SER G 24 27.41 -1.12 5.22
CA SER G 24 26.15 -1.89 5.47
C SER G 24 26.38 -3.39 5.72
N THR G 25 25.39 -4.06 6.29
CA THR G 25 25.46 -5.50 6.62
C THR G 25 24.36 -6.19 5.81
N PHE G 26 24.59 -7.42 5.37
CA PHE G 26 23.51 -8.15 4.65
C PHE G 26 23.09 -9.39 5.45
N VAL G 27 21.78 -9.53 5.69
CA VAL G 27 21.25 -10.71 6.42
C VAL G 27 20.11 -11.30 5.57
N PRO G 28 20.19 -12.58 5.14
CA PRO G 28 19.12 -13.20 4.36
C PRO G 28 17.94 -13.45 5.30
N VAL G 29 16.77 -12.99 4.88
CA VAL G 29 15.50 -13.15 5.62
C VAL G 29 14.82 -14.42 5.16
N THR G 30 14.51 -15.30 6.10
CA THR G 30 13.89 -16.62 5.83
C THR G 30 12.38 -16.48 6.11
N GLY G 31 11.59 -17.26 5.39
CA GLY G 31 10.13 -17.33 5.57
C GLY G 31 9.53 -18.50 4.84
N SER G 32 8.20 -18.60 4.89
CA SER G 32 7.41 -19.65 4.21
C SER G 32 7.59 -19.57 2.68
N ALA G 33 7.75 -20.74 2.06
CA ALA G 33 7.54 -20.93 0.61
C ALA G 33 6.22 -20.25 0.21
N GLY G 34 6.29 -19.37 -0.79
CA GLY G 34 5.15 -18.63 -1.32
C GLY G 34 5.24 -17.19 -0.92
N ASN G 35 6.16 -16.80 -0.03
CA ASN G 35 6.15 -15.42 0.53
C ASN G 35 7.33 -14.62 0.03
N ALA G 36 8.07 -15.14 -0.92
CA ALA G 36 9.15 -14.42 -1.65
C ALA G 36 8.49 -13.48 -2.65
N PRO G 37 8.97 -12.24 -2.83
CA PRO G 37 8.57 -11.41 -3.97
C PRO G 37 9.09 -12.03 -5.26
N SER G 38 8.41 -11.79 -6.35
CA SER G 38 8.91 -12.02 -7.72
C SER G 38 10.17 -11.18 -7.93
N LYS G 39 11.22 -11.80 -8.44
CA LYS G 39 12.53 -11.17 -8.68
C LYS G 39 12.44 -10.18 -9.85
N TRP G 40 11.58 -10.43 -10.82
CA TRP G 40 11.25 -9.47 -11.90
C TRP G 40 10.72 -8.16 -11.30
N ASP G 41 9.79 -8.24 -10.34
CA ASP G 41 9.22 -7.07 -9.60
C ASP G 41 10.37 -6.33 -8.90
N CYS G 42 11.32 -7.05 -8.30
CA CYS G 42 12.48 -6.47 -7.57
C CYS G 42 13.43 -5.77 -8.53
N GLN G 43 13.64 -6.34 -9.72
CA GLN G 43 14.45 -5.74 -10.82
C GLN G 43 13.85 -4.40 -11.27
N LEU G 44 12.56 -4.38 -11.58
CA LEU G 44 11.78 -3.18 -11.95
C LEU G 44 11.84 -2.13 -10.84
N LEU G 45 11.71 -2.55 -9.58
CA LEU G 45 11.80 -1.62 -8.44
C LEU G 45 13.15 -0.87 -8.50
N ARG G 46 14.26 -1.57 -8.70
CA ARG G 46 15.60 -0.95 -8.71
C ARG G 46 15.75 -0.04 -9.94
N ASP G 47 15.52 -0.58 -11.12
CA ASP G 47 15.91 0.04 -12.41
C ASP G 47 14.83 0.96 -12.95
N GLY G 48 13.57 0.57 -12.83
CA GLY G 48 12.41 1.32 -13.34
C GLY G 48 12.01 2.40 -12.37
N TYR G 49 12.00 2.12 -11.08
CA TYR G 49 11.42 3.06 -10.07
C TYR G 49 12.53 3.80 -9.35
N ILE G 50 13.40 3.13 -8.58
CA ILE G 50 14.35 3.82 -7.65
C ILE G 50 15.30 4.62 -8.51
N ALA G 51 15.77 4.04 -9.61
CA ALA G 51 16.77 4.63 -10.52
C ALA G 51 16.24 5.98 -11.03
N LYS G 52 14.93 6.21 -11.08
CA LYS G 52 14.37 7.49 -11.62
C LYS G 52 14.11 8.48 -10.49
N GLN G 53 14.35 8.13 -9.25
CA GLN G 53 14.06 9.05 -8.11
C GLN G 53 15.34 9.84 -7.82
N ASN G 54 15.44 11.07 -8.32
CA ASN G 54 16.68 11.85 -8.07
C ASN G 54 16.56 12.50 -6.69
N LYS G 55 16.67 11.72 -5.62
CA LYS G 55 16.39 12.21 -4.25
C LYS G 55 17.02 11.30 -3.20
N SER G 56 16.88 11.76 -1.97
CA SER G 56 17.18 11.07 -0.71
C SER G 56 15.90 11.06 0.14
N TRP G 57 15.78 10.08 1.03
CA TRP G 57 14.59 9.92 1.90
C TRP G 57 15.03 10.09 3.35
N LEU G 58 14.32 10.90 4.10
CA LEU G 58 14.55 11.03 5.56
C LEU G 58 13.82 9.91 6.26
N ILE G 59 14.55 9.10 7.05
CA ILE G 59 14.02 7.91 7.76
C ILE G 59 14.02 8.22 9.25
N SER G 60 12.85 8.24 9.86
CA SER G 60 12.70 8.49 11.32
C SER G 60 11.82 7.41 11.94
N GLY G 61 11.61 6.32 11.22
CA GLY G 61 10.61 5.32 11.58
C GLY G 61 10.33 4.44 10.39
N PRO G 62 9.50 3.39 10.57
CA PRO G 62 9.12 2.53 9.45
C PRO G 62 8.58 3.36 8.29
N ARG G 63 9.18 3.20 7.12
CA ARG G 63 8.80 3.93 5.89
C ARG G 63 9.05 3.04 4.68
N ILE G 64 8.06 2.89 3.83
CA ILE G 64 8.21 2.22 2.50
C ILE G 64 8.72 3.25 1.49
N ILE G 65 9.83 2.92 0.83
CA ILE G 65 10.54 3.85 -0.09
C ILE G 65 10.00 3.61 -1.50
N GLY G 66 9.75 2.37 -1.88
CA GLY G 66 9.08 2.10 -3.18
C GLY G 66 8.60 0.66 -3.23
N THR G 67 7.59 0.45 -4.06
CA THR G 67 6.87 -0.82 -4.32
C THR G 67 6.69 -1.02 -5.83
N VAL G 68 7.03 -2.20 -6.32
CA VAL G 68 6.52 -2.71 -7.62
C VAL G 68 5.86 -4.07 -7.34
N ARG G 69 4.53 -4.10 -7.34
CA ARG G 69 3.66 -5.27 -7.16
C ARG G 69 4.09 -6.02 -5.91
N THR G 70 4.69 -7.19 -6.08
CA THR G 70 5.08 -8.13 -4.98
C THR G 70 6.39 -7.68 -4.29
N CYS G 71 7.19 -6.78 -4.87
CA CYS G 71 8.50 -6.36 -4.30
C CYS G 71 8.48 -4.94 -3.73
N GLN G 72 9.22 -4.74 -2.66
CA GLN G 72 9.18 -3.57 -1.79
C GLN G 72 10.53 -3.33 -1.12
N PHE G 73 10.96 -2.08 -1.17
CA PHE G 73 12.10 -1.60 -0.35
C PHE G 73 11.56 -0.69 0.75
N SER G 74 11.97 -0.97 1.97
CA SER G 74 11.57 -0.19 3.15
C SER G 74 12.72 -0.02 4.15
N ALA G 75 12.57 0.89 5.11
CA ALA G 75 13.61 1.21 6.11
C ALA G 75 13.01 1.80 7.40
N THR G 76 13.78 1.67 8.47
CA THR G 76 13.51 2.28 9.78
C THR G 76 14.84 2.70 10.39
N VAL G 77 14.77 3.33 11.54
CA VAL G 77 15.95 3.70 12.36
C VAL G 77 16.09 2.60 13.42
N ASP G 78 17.30 2.13 13.66
CA ASP G 78 17.55 1.38 14.90
C ASP G 78 17.25 2.09 16.20
N VAL G 79 17.74 3.32 16.46
CA VAL G 79 17.63 3.97 17.78
C VAL G 79 16.38 4.78 17.60
N SER G 80 15.31 4.52 18.32
CA SER G 80 14.04 5.27 18.17
C SER G 80 14.32 6.74 18.46
N GLY G 81 13.55 7.65 17.86
CA GLY G 81 13.75 9.10 18.02
C GLY G 81 14.89 9.64 17.17
N THR G 82 15.71 8.82 16.52
CA THR G 82 16.75 9.31 15.55
C THR G 82 16.16 9.45 14.13
N ALA G 83 16.89 10.09 13.22
CA ALA G 83 16.54 10.34 11.80
C ALA G 83 17.78 10.40 10.91
N GLY G 84 17.70 9.82 9.72
CA GLY G 84 18.87 9.61 8.82
C GLY G 84 18.44 9.66 7.37
N TRP G 85 19.36 10.02 6.48
CA TRP G 85 19.01 10.17 5.04
C TRP G 85 19.51 8.96 4.25
N ILE G 86 18.63 8.36 3.44
CA ILE G 86 19.11 7.26 2.56
C ILE G 86 19.00 7.73 1.10
N GLY G 87 20.11 7.66 0.37
CA GLY G 87 20.10 8.13 -1.04
C GLY G 87 19.57 7.05 -1.97
N ARG G 88 19.13 7.46 -3.17
CA ARG G 88 18.64 6.50 -4.19
C ARG G 88 19.82 5.61 -4.57
N ASP G 89 20.99 6.21 -4.72
CA ASP G 89 22.23 5.45 -5.03
C ASP G 89 22.39 4.36 -3.98
N ASP G 90 22.31 4.73 -2.70
CA ASP G 90 22.46 3.74 -1.60
C ASP G 90 21.49 2.58 -1.84
N ILE G 91 20.25 2.87 -2.25
CA ILE G 91 19.23 1.80 -2.44
C ILE G 91 19.59 1.02 -3.70
N MET G 92 20.01 1.71 -4.74
CA MET G 92 20.51 1.05 -5.99
C MET G 92 21.57 -0.01 -5.62
N ASP G 93 22.58 0.37 -4.85
CA ASP G 93 23.67 -0.56 -4.44
C ASP G 93 23.15 -1.67 -3.52
N LEU G 94 22.34 -1.32 -2.50
CA LEU G 94 21.83 -2.30 -1.52
C LEU G 94 20.98 -3.35 -2.24
N MET G 95 20.18 -2.92 -3.22
CA MET G 95 19.30 -3.81 -4.01
C MET G 95 20.14 -4.69 -4.93
N LYS G 96 21.16 -4.15 -5.60
CA LYS G 96 22.07 -4.89 -6.53
C LYS G 96 22.76 -5.98 -5.74
N ASP G 97 23.35 -5.64 -4.59
CA ASP G 97 24.07 -6.55 -3.68
C ASP G 97 23.11 -7.62 -3.16
N SER G 98 21.88 -7.26 -2.79
CA SER G 98 20.89 -8.19 -2.19
C SER G 98 20.48 -9.24 -3.21
N LEU G 99 20.20 -8.81 -4.45
CA LEU G 99 19.72 -9.69 -5.53
C LEU G 99 20.86 -10.59 -5.99
N ASN G 100 22.11 -10.12 -5.95
CA ASN G 100 23.32 -10.96 -6.22
C ASN G 100 23.49 -12.01 -5.12
N LEU G 101 23.34 -11.65 -3.85
CA LEU G 101 23.53 -12.58 -2.70
C LEU G 101 22.41 -13.62 -2.65
N TRP G 102 21.23 -13.31 -3.17
CA TRP G 102 20.03 -14.16 -3.09
C TRP G 102 19.98 -15.19 -4.23
N LYS G 103 20.00 -16.49 -3.92
CA LYS G 103 19.70 -17.57 -4.90
C LYS G 103 18.40 -18.30 -4.50
N ALA G 113 10.31 -23.55 3.79
CA ALA G 113 11.18 -22.35 3.95
C ALA G 113 11.94 -22.08 2.65
N MET G 114 12.24 -20.81 2.45
CA MET G 114 13.07 -20.23 1.35
C MET G 114 13.54 -18.85 1.84
N GLN G 115 14.44 -18.21 1.10
CA GLN G 115 14.76 -16.79 1.31
C GLN G 115 13.58 -15.95 0.77
N VAL G 116 13.03 -15.07 1.59
CA VAL G 116 11.88 -14.22 1.19
C VAL G 116 12.32 -12.76 1.13
N GLY G 117 13.58 -12.48 1.48
CA GLY G 117 14.07 -11.10 1.57
C GLY G 117 15.53 -10.99 1.96
N GLU G 118 16.01 -9.73 1.98
CA GLU G 118 17.34 -9.33 2.52
C GLU G 118 17.10 -8.10 3.40
N SER G 119 17.72 -8.09 4.55
CA SER G 119 17.81 -6.92 5.45
C SER G 119 19.28 -6.59 5.72
N GLY G 120 19.48 -5.42 6.28
CA GLY G 120 20.81 -4.86 6.57
C GLY G 120 20.73 -3.65 7.47
N ASP G 121 21.86 -3.39 8.09
CA ASP G 121 22.09 -2.22 8.95
C ASP G 121 23.23 -1.41 8.31
N VAL G 122 22.99 -0.13 8.16
CA VAL G 122 23.94 0.80 7.49
C VAL G 122 23.93 2.14 8.24
N ASN G 123 25.10 2.79 8.25
CA ASN G 123 25.21 4.12 8.90
C ASN G 123 24.97 5.16 7.81
N CYS G 124 24.17 6.17 8.11
CA CYS G 124 23.74 7.14 7.07
C CYS G 124 23.87 8.56 7.64
N VAL G 125 23.85 9.57 6.77
CA VAL G 125 24.09 10.96 7.23
C VAL G 125 23.03 11.30 8.29
N ALA G 126 23.45 12.01 9.34
CA ALA G 126 22.55 12.26 10.49
C ALA G 126 21.31 13.06 10.11
N GLY G 127 21.42 14.05 9.24
CA GLY G 127 20.21 14.77 8.80
C GLY G 127 19.01 14.45 9.68
N LYS G 134 26.38 10.53 12.04
CA LYS G 134 25.92 9.30 11.36
C LYS G 134 24.84 8.60 12.22
N VAL G 135 23.83 8.03 11.55
CA VAL G 135 22.73 7.34 12.26
C VAL G 135 22.57 5.94 11.64
N ARG G 136 22.55 4.90 12.47
CA ARG G 136 22.32 3.52 11.94
C ARG G 136 20.92 3.45 11.33
N ILE G 137 20.77 2.75 10.20
CA ILE G 137 19.45 2.64 9.52
C ILE G 137 19.22 1.17 9.17
N ALA G 138 18.02 0.66 9.43
CA ALA G 138 17.71 -0.76 9.16
C ALA G 138 16.86 -0.85 7.90
N TRP G 139 17.42 -1.39 6.81
CA TRP G 139 16.67 -1.50 5.53
C TRP G 139 16.20 -2.94 5.33
N THR G 140 15.17 -3.12 4.51
CA THR G 140 14.53 -4.38 4.12
C THR G 140 14.17 -4.33 2.63
N LEU G 141 14.62 -5.35 1.90
CA LEU G 141 14.11 -5.71 0.57
C LEU G 141 13.24 -6.96 0.73
N GLY G 142 11.96 -6.90 0.37
CA GLY G 142 11.07 -8.06 0.58
C GLY G 142 9.71 -7.92 -0.07
N HIS G 143 8.78 -8.79 0.32
CA HIS G 143 7.44 -8.80 -0.30
C HIS G 143 6.61 -7.62 0.19
N SER G 144 5.75 -7.11 -0.68
CA SER G 144 4.82 -6.03 -0.28
C SER G 144 3.75 -6.62 0.65
N ASN H 20 8.60 -3.70 -46.06
CA ASN H 20 8.23 -5.05 -46.56
C ASN H 20 6.88 -4.97 -47.27
N CYS H 21 6.29 -3.77 -47.32
CA CYS H 21 4.98 -3.53 -47.91
C CYS H 21 4.58 -2.07 -48.04
N ASP H 22 3.62 -1.70 -48.91
CA ASP H 22 3.41 -0.24 -49.08
C ASP H 22 1.99 0.32 -49.08
N GLY H 23 1.88 1.60 -48.72
CA GLY H 23 0.69 2.47 -48.68
C GLY H 23 -0.60 1.83 -48.23
N SER H 24 -1.09 2.23 -47.06
CA SER H 24 -2.38 1.74 -46.47
C SER H 24 -3.46 2.83 -46.38
N THR H 25 -4.72 2.41 -46.38
CA THR H 25 -5.88 3.22 -45.94
C THR H 25 -5.95 3.15 -44.41
N PHE H 26 -6.67 4.11 -43.82
CA PHE H 26 -6.88 4.25 -42.37
C PHE H 26 -8.35 4.53 -42.11
N VAL H 27 -9.04 3.60 -41.47
CA VAL H 27 -10.49 3.72 -41.16
C VAL H 27 -10.65 3.66 -39.64
N PRO H 28 -11.18 4.71 -38.98
CA PRO H 28 -11.43 4.65 -37.55
C PRO H 28 -12.61 3.70 -37.30
N VAL H 29 -12.41 2.75 -36.41
CA VAL H 29 -13.41 1.72 -36.04
C VAL H 29 -14.16 2.22 -34.80
N THR H 30 -15.48 2.29 -34.88
CA THR H 30 -16.37 2.75 -33.79
C THR H 30 -16.93 1.55 -33.01
N GLY H 31 -17.26 1.75 -31.75
CA GLY H 31 -17.85 0.71 -30.87
C GLY H 31 -18.35 1.31 -29.57
N SER H 32 -18.86 0.45 -28.70
CA SER H 32 -19.32 0.80 -27.34
C SER H 32 -18.16 1.37 -26.49
N ALA H 33 -18.45 2.43 -25.74
CA ALA H 33 -17.68 2.91 -24.59
C ALA H 33 -17.34 1.70 -23.71
N GLY H 34 -16.06 1.51 -23.42
CA GLY H 34 -15.56 0.41 -22.57
C GLY H 34 -14.88 -0.63 -23.41
N ASN H 35 -14.94 -0.54 -24.74
CA ASN H 35 -14.40 -1.61 -25.62
C ASN H 35 -13.18 -1.12 -26.36
N ALA H 36 -12.67 0.07 -26.03
CA ALA H 36 -11.38 0.60 -26.54
C ALA H 36 -10.28 -0.11 -25.78
N PRO H 37 -9.15 -0.52 -26.43
CA PRO H 37 -7.99 -0.97 -25.70
C PRO H 37 -7.40 0.22 -24.95
N SER H 38 -6.71 -0.05 -23.85
CA SER H 38 -5.78 0.92 -23.21
C SER H 38 -4.70 1.29 -24.21
N LYS H 39 -4.47 2.60 -24.36
CA LYS H 39 -3.49 3.16 -25.30
C LYS H 39 -2.08 2.89 -24.78
N TRP H 40 -1.85 2.80 -23.46
CA TRP H 40 -0.58 2.33 -22.86
C TRP H 40 -0.25 0.93 -23.39
N ASP H 41 -1.22 0.00 -23.36
CA ASP H 41 -1.08 -1.39 -23.86
C ASP H 41 -0.70 -1.33 -25.37
N CYS H 42 -1.30 -0.42 -26.14
CA CYS H 42 -1.03 -0.26 -27.60
C CYS H 42 0.38 0.27 -27.83
N GLN H 43 0.84 1.20 -26.99
CA GLN H 43 2.21 1.75 -27.03
C GLN H 43 3.25 0.64 -26.78
N LEU H 44 3.07 -0.15 -25.72
CA LEU H 44 3.92 -1.31 -25.36
C LEU H 44 3.89 -2.33 -26.49
N LEU H 45 2.74 -2.60 -27.09
CA LEU H 45 2.64 -3.54 -28.25
C LEU H 45 3.59 -3.07 -29.35
N ARG H 46 3.60 -1.79 -29.71
CA ARG H 46 4.45 -1.27 -30.81
C ARG H 46 5.94 -1.34 -30.40
N ASP H 47 6.29 -0.73 -29.28
CA ASP H 47 7.69 -0.43 -28.88
C ASP H 47 8.33 -1.58 -28.14
N GLY H 48 7.59 -2.23 -27.24
CA GLY H 48 8.06 -3.34 -26.39
C GLY H 48 8.05 -4.64 -27.17
N TYR H 49 7.01 -4.90 -27.96
CA TYR H 49 6.79 -6.23 -28.55
C TYR H 49 7.16 -6.19 -30.03
N ILE H 50 6.45 -5.44 -30.89
CA ILE H 50 6.59 -5.54 -32.37
C ILE H 50 8.01 -5.11 -32.73
N ALA H 51 8.48 -4.04 -32.10
CA ALA H 51 9.80 -3.42 -32.36
C ALA H 51 10.89 -4.47 -32.17
N LYS H 52 10.70 -5.50 -31.33
CA LYS H 52 11.74 -6.52 -31.04
C LYS H 52 11.61 -7.71 -31.98
N GLN H 53 10.61 -7.76 -32.84
CA GLN H 53 10.39 -8.95 -33.71
C GLN H 53 11.11 -8.70 -35.04
N ASN H 54 12.30 -9.24 -35.22
CA ASN H 54 13.04 -9.07 -36.50
C ASN H 54 12.49 -10.10 -37.49
N LYS H 55 11.29 -9.87 -38.00
CA LYS H 55 10.62 -10.82 -38.91
C LYS H 55 9.53 -10.13 -39.72
N SER H 56 8.99 -10.94 -40.64
CA SER H 56 7.79 -10.70 -41.44
C SER H 56 6.82 -11.85 -41.17
N TRP H 57 5.53 -11.60 -41.34
CA TRP H 57 4.48 -12.60 -41.07
C TRP H 57 3.76 -12.89 -42.38
N LEU H 58 3.58 -14.17 -42.70
CA LEU H 58 2.78 -14.60 -43.85
C LEU H 58 1.30 -14.58 -43.42
N ILE H 59 0.48 -13.85 -44.17
CA ILE H 59 -0.98 -13.66 -43.87
C ILE H 59 -1.77 -14.36 -44.96
N SER H 60 -2.49 -15.40 -44.62
CA SER H 60 -3.33 -16.18 -45.55
C SER H 60 -4.72 -16.35 -44.97
N GLY H 61 -5.02 -15.59 -43.92
CA GLY H 61 -6.27 -15.72 -43.18
C GLY H 61 -6.16 -14.91 -41.90
N PRO H 62 -7.25 -14.88 -41.10
CA PRO H 62 -7.22 -14.21 -39.81
C PRO H 62 -6.04 -14.69 -38.96
N ARG H 63 -5.19 -13.77 -38.56
CA ARG H 63 -3.99 -14.06 -37.74
C ARG H 63 -3.73 -12.89 -36.79
N ILE H 64 -3.57 -13.18 -35.51
CA ILE H 64 -3.09 -12.19 -34.50
C ILE H 64 -1.56 -12.15 -34.56
N ILE H 65 -0.99 -10.97 -34.72
CA ILE H 65 0.46 -10.74 -34.89
C ILE H 65 1.07 -10.49 -33.51
N GLY H 66 0.39 -9.75 -32.63
CA GLY H 66 0.86 -9.61 -31.25
C GLY H 66 -0.18 -9.00 -30.36
N THR H 67 -0.06 -9.28 -29.05
CA THR H 67 -1.02 -8.86 -27.99
C THR H 67 -0.22 -8.34 -26.79
N VAL H 68 -0.61 -7.16 -26.30
CA VAL H 68 -0.26 -6.71 -24.93
C VAL H 68 -1.57 -6.38 -24.22
N ARG H 69 -1.98 -7.29 -23.31
CA ARG H 69 -3.17 -7.18 -22.44
C ARG H 69 -4.37 -6.85 -23.32
N THR H 70 -4.89 -5.61 -23.20
CA THR H 70 -6.13 -5.14 -23.88
C THR H 70 -5.88 -4.79 -25.35
N CYS H 71 -4.62 -4.59 -25.80
CA CYS H 71 -4.32 -4.14 -27.18
C CYS H 71 -3.72 -5.26 -28.04
N GLN H 72 -4.10 -5.24 -29.32
CA GLN H 72 -3.88 -6.35 -30.27
C GLN H 72 -3.78 -5.81 -31.68
N PHE H 73 -2.76 -6.31 -32.37
CA PHE H 73 -2.62 -6.13 -33.83
C PHE H 73 -2.91 -7.45 -34.51
N SER H 74 -3.79 -7.39 -35.50
CA SER H 74 -4.17 -8.59 -36.29
C SER H 74 -4.36 -8.24 -37.77
N ALA H 75 -4.44 -9.25 -38.63
CA ALA H 75 -4.56 -9.10 -40.11
C ALA H 75 -5.19 -10.34 -40.74
N THR H 76 -5.75 -10.11 -41.94
CA THR H 76 -6.29 -11.15 -42.82
C THR H 76 -6.00 -10.74 -44.26
N VAL H 77 -6.35 -11.59 -45.19
CA VAL H 77 -6.29 -11.29 -46.65
C VAL H 77 -7.69 -10.83 -47.06
N ASP H 78 -7.79 -9.79 -47.87
CA ASP H 78 -8.96 -9.65 -48.76
C ASP H 78 -8.69 -10.66 -49.87
N VAL H 79 -9.73 -11.37 -50.28
CA VAL H 79 -9.61 -12.46 -51.31
C VAL H 79 -9.03 -13.71 -50.63
N SER H 80 -9.93 -14.60 -50.27
CA SER H 80 -9.55 -15.91 -49.68
C SER H 80 -8.71 -16.65 -50.72
N GLY H 81 -7.86 -17.57 -50.26
CA GLY H 81 -6.94 -18.31 -51.13
C GLY H 81 -5.69 -17.52 -51.42
N THR H 82 -5.62 -16.20 -51.18
CA THR H 82 -4.35 -15.42 -51.36
C THR H 82 -3.53 -15.43 -50.07
N ALA H 83 -2.28 -14.96 -50.16
CA ALA H 83 -1.28 -14.92 -49.05
C ALA H 83 -0.25 -13.80 -49.32
N GLY H 84 0.15 -13.09 -48.27
CA GLY H 84 0.98 -11.87 -48.37
C GLY H 84 1.83 -11.70 -47.14
N TRP H 85 2.95 -11.00 -47.29
CA TRP H 85 3.96 -10.76 -46.23
C TRP H 85 3.77 -9.35 -45.67
N ILE H 86 3.59 -9.26 -44.37
CA ILE H 86 3.60 -7.96 -43.64
C ILE H 86 4.81 -7.99 -42.72
N GLY H 87 5.65 -6.95 -42.74
CA GLY H 87 6.89 -6.90 -41.95
C GLY H 87 6.77 -6.04 -40.71
N ARG H 88 7.66 -6.29 -39.76
CA ARG H 88 7.85 -5.47 -38.54
C ARG H 88 7.67 -3.98 -38.83
N ASP H 89 8.35 -3.45 -39.84
CA ASP H 89 8.42 -1.98 -40.07
C ASP H 89 7.11 -1.48 -40.65
N ASP H 90 6.39 -2.32 -41.40
CA ASP H 90 5.01 -2.00 -41.84
C ASP H 90 4.14 -1.75 -40.60
N ILE H 91 4.17 -2.70 -39.66
CA ILE H 91 3.29 -2.70 -38.47
C ILE H 91 3.68 -1.54 -37.58
N MET H 92 4.98 -1.31 -37.37
CA MET H 92 5.50 -0.14 -36.63
C MET H 92 4.84 1.13 -37.19
N ASP H 93 4.93 1.34 -38.50
CA ASP H 93 4.36 2.57 -39.14
C ASP H 93 2.83 2.60 -39.03
N LEU H 94 2.14 1.50 -39.31
CA LEU H 94 0.65 1.42 -39.27
C LEU H 94 0.17 1.74 -37.86
N MET H 95 0.85 1.25 -36.84
CA MET H 95 0.52 1.50 -35.41
C MET H 95 0.77 2.97 -35.06
N LYS H 96 1.90 3.54 -35.47
CA LYS H 96 2.28 4.95 -35.21
C LYS H 96 1.20 5.87 -35.82
N ASP H 97 0.87 5.65 -37.09
CA ASP H 97 -0.13 6.41 -37.87
C ASP H 97 -1.51 6.27 -37.21
N SER H 98 -1.89 5.06 -36.78
CA SER H 98 -3.22 4.77 -36.18
C SER H 98 -3.37 5.54 -34.86
N LEU H 99 -2.34 5.50 -34.00
CA LEU H 99 -2.39 6.12 -32.67
C LEU H 99 -2.36 7.66 -32.82
N ASN H 100 -1.69 8.18 -33.86
CA ASN H 100 -1.71 9.63 -34.20
C ASN H 100 -3.10 10.05 -34.68
N LEU H 101 -3.76 9.26 -35.52
CA LEU H 101 -5.09 9.61 -36.10
C LEU H 101 -6.20 9.51 -35.06
N TRP H 102 -6.01 8.73 -34.01
CA TRP H 102 -7.01 8.45 -32.97
C TRP H 102 -7.16 9.55 -31.90
N LYS H 103 -8.39 10.07 -31.63
CA LYS H 103 -8.71 10.76 -30.35
C LYS H 103 -9.25 9.75 -29.32
N GLN H 111 -22.43 9.75 -27.30
CA GLN H 111 -22.22 9.61 -25.83
C GLN H 111 -21.86 8.16 -25.52
N GLY H 112 -22.69 7.21 -25.95
CA GLY H 112 -22.45 5.77 -25.66
C GLY H 112 -21.41 5.14 -26.56
N ALA H 113 -20.95 5.83 -27.60
CA ALA H 113 -19.84 5.27 -28.42
C ALA H 113 -18.51 6.03 -28.35
N MET H 114 -17.44 5.40 -28.87
CA MET H 114 -16.09 6.00 -28.97
C MET H 114 -15.35 5.28 -30.13
N GLN H 115 -14.18 5.78 -30.51
CA GLN H 115 -13.25 5.01 -31.36
C GLN H 115 -12.66 3.84 -30.53
N VAL H 116 -12.79 2.62 -31.02
CA VAL H 116 -12.27 1.42 -30.29
C VAL H 116 -11.11 0.81 -31.06
N GLY H 117 -10.76 1.38 -32.21
CA GLY H 117 -9.73 0.80 -33.08
C GLY H 117 -9.48 1.57 -34.36
N GLU H 118 -8.47 1.08 -35.10
CA GLU H 118 -8.16 1.53 -36.48
C GLU H 118 -7.97 0.29 -37.33
N SER H 119 -8.54 0.31 -38.54
CA SER H 119 -8.32 -0.70 -39.58
C SER H 119 -7.85 -0.03 -40.85
N GLY H 120 -7.35 -0.86 -41.77
CA GLY H 120 -6.74 -0.41 -43.03
C GLY H 120 -6.56 -1.55 -44.00
N ASP H 121 -6.45 -1.14 -45.26
CA ASP H 121 -6.17 -2.06 -46.37
C ASP H 121 -4.85 -1.62 -47.00
N VAL H 122 -3.98 -2.59 -47.25
CA VAL H 122 -2.63 -2.27 -47.80
C VAL H 122 -2.26 -3.32 -48.86
N ASN H 123 -1.33 -3.00 -49.74
CA ASN H 123 -0.85 -3.99 -50.74
C ASN H 123 0.52 -4.43 -50.28
N CYS H 124 0.75 -5.74 -50.21
CA CYS H 124 2.01 -6.24 -49.61
C CYS H 124 2.63 -7.33 -50.48
N VAL H 125 3.93 -7.60 -50.29
CA VAL H 125 4.65 -8.60 -51.13
C VAL H 125 3.92 -9.93 -50.92
N ALA H 126 3.75 -10.71 -51.97
C ALA H 126 3.46 -13.19 -51.32
N GLY H 127 4.48 -13.77 -51.93
CA GLY H 127 4.86 -15.15 -51.54
C GLY H 127 3.94 -16.23 -52.13
N LYS H 134 1.62 -8.37 -56.02
CA LYS H 134 1.23 -7.72 -54.75
C LYS H 134 -0.13 -8.28 -54.29
N VAL H 135 -0.35 -8.36 -52.98
CA VAL H 135 -1.63 -8.90 -52.43
C VAL H 135 -2.19 -7.88 -51.45
N ARG H 136 -3.44 -8.07 -50.99
CA ARG H 136 -4.09 -7.09 -50.08
C ARG H 136 -4.21 -7.71 -48.69
N ILE H 137 -3.73 -7.00 -47.67
CA ILE H 137 -3.77 -7.53 -46.27
C ILE H 137 -4.57 -6.55 -45.41
N ALA H 138 -5.78 -6.95 -45.00
CA ALA H 138 -6.62 -6.09 -44.14
C ALA H 138 -6.11 -6.20 -42.70
N TRP H 139 -5.61 -5.09 -42.16
CA TRP H 139 -5.09 -5.09 -40.76
C TRP H 139 -6.09 -4.40 -39.82
N THR H 140 -5.96 -4.70 -38.53
CA THR H 140 -6.74 -4.15 -37.40
C THR H 140 -5.82 -3.93 -36.19
N LEU H 141 -5.89 -2.72 -35.66
CA LEU H 141 -5.41 -2.39 -34.30
C LEU H 141 -6.63 -2.20 -33.40
N GLY H 142 -6.75 -3.01 -32.34
CA GLY H 142 -8.01 -3.00 -31.55
C GLY H 142 -7.88 -3.75 -30.23
N HIS H 143 -8.99 -3.93 -29.53
CA HIS H 143 -9.09 -4.68 -28.24
C HIS H 143 -8.61 -6.14 -28.43
#